data_9EC8
#
_entry.id   9EC8
#
_cell.length_a   1.00
_cell.length_b   1.00
_cell.length_c   1.00
_cell.angle_alpha   90.00
_cell.angle_beta   90.00
_cell.angle_gamma   90.00
#
_symmetry.space_group_name_H-M   'P 1'
#
loop_
_entity.id
_entity.type
_entity.pdbx_description
1 polymer EsCas13d
2 polymer crRNA
3 polymer 'Target RNA (matched)'
4 non-polymer 'MAGNESIUM ION'
#
loop_
_entity_poly.entity_id
_entity_poly.type
_entity_poly.pdbx_seq_one_letter_code
_entity_poly.pdbx_strand_id
1 'polypeptide(L)'
;MGKKIHARDLREQRKTDRTEKFADQNKKREAERAVPKKDAAVSVKSVSSVSSKKDNVTKSMAKAAGVKSVFAVGNTVYMT
SFGRGNDAVLEQKIVDTSHEPLNIDDPAYQLNVVTMNGYSVTGHRGETVSAVTDNPLRRFNGRKKDEPEQSVPTDMLCLK
PTLEKKFFGKEFDDNIHIQLIYNILDIEKILAVYSTNAIYALNNMSADENIENSDFFMKRTTDETFDDFEKKKESTNSRE
KADFDAFEKFIGNYRLAYFADAFYVNKKNPKGKAKNVLREDKELYSVLTLIGKLRHWCVHSEEGRAEFWLYKLDELKDDF
KNVLDVVYNRPVEEINNRFIENNKVNIQILGSVYKNTDIAELVRSYYEFLITKKYKNMGFSIKKLRESMLEGKGYADKEY
DSVRNKLYQMTDFILYTGYINEDSDRADDLVNTLRSSLKEDDKTTVYCKEADYLWKKYRESIREVADALDGDNIKKLSKS
NIEIQEDKLRKCFISYADSVSEFTKLIYLLTRFLSGKEINDLVTTLINKFDNIRSFLEIMDELGLDRTFTAEYSFFEGST
KYLAELVELNSFVKSCSFDINAKRTMYRDALDILGIESDKTEEDIEKMIDNILQIDANGDKKLKKNNGLRNFIASNVIDS
NRFKYLVRYGNPKKIRETAKCKPAVRFVLNEIPDAQIERYYEACCPKNTALCSANKRREKLADMIAEIKFENFSDAGNYQ
KANVTSRTSEAEIKRKNQAIIRLYLTVMYIMLKNLVNVNARYVIAFHCVERDTKLYAESGLEVGNIEKNKTNLTMAVMGV
KLENGIIKTEFDKSFAENAANRYLRNARWYKLILDNLKKSERAVVNEFRNTVCHLNAIRNININIKEIKEVENYFALYHY
LIQKHLENRFADKKVERDTGDFISKLEEHKTYCKDFVKAYCTPFGYNLVRYKNLTIDGLFDKNYPGKDDSDEQK
;
A
2 'polyribonucleotide' CACCCGUGCAAAAAUGCAGGGGUCUAAAACUGAGCGGAUAACCUCUCUAUGG B
3 'polyribonucleotide' CGUACCAUAGAGAGGUUAUCCGCUCCACGA C
#
loop_
_chem_comp.id
_chem_comp.type
_chem_comp.name
_chem_comp.formula
A RNA linking ADENOSINE-5'-MONOPHOSPHATE 'C10 H14 N5 O7 P'
C RNA linking CYTIDINE-5'-MONOPHOSPHATE 'C9 H14 N3 O8 P'
G RNA linking GUANOSINE-5'-MONOPHOSPHATE 'C10 H14 N5 O8 P'
MG non-polymer 'MAGNESIUM ION' 'Mg 2'
U RNA linking URIDINE-5'-MONOPHOSPHATE 'C9 H13 N2 O9 P'
#
# COMPACT_ATOMS: atom_id res chain seq x y z
N LYS A 59 -5.90 -22.90 -10.28
CA LYS A 59 -5.50 -24.01 -11.15
C LYS A 59 -5.41 -25.30 -10.36
N SER A 60 -5.11 -25.18 -9.07
CA SER A 60 -4.95 -26.35 -8.20
C SER A 60 -6.30 -27.00 -7.96
N MET A 61 -6.49 -28.18 -8.54
CA MET A 61 -7.74 -28.91 -8.35
C MET A 61 -7.96 -29.29 -6.89
N ALA A 62 -6.88 -29.45 -6.12
CA ALA A 62 -7.03 -29.72 -4.70
C ALA A 62 -7.69 -28.56 -3.97
N LYS A 63 -7.29 -27.33 -4.30
CA LYS A 63 -7.93 -26.16 -3.71
C LYS A 63 -9.33 -25.95 -4.30
N ALA A 64 -9.52 -26.28 -5.57
CA ALA A 64 -10.85 -26.15 -6.17
C ALA A 64 -11.84 -27.09 -5.51
N ALA A 65 -11.42 -28.31 -5.19
CA ALA A 65 -12.28 -29.29 -4.55
C ALA A 65 -12.60 -28.95 -3.11
N GLY A 66 -11.93 -27.96 -2.53
CA GLY A 66 -12.22 -27.51 -1.19
C GLY A 66 -11.21 -27.88 -0.13
N VAL A 67 -10.07 -28.45 -0.50
CA VAL A 67 -9.05 -28.84 0.48
C VAL A 67 -8.27 -27.57 0.84
N LYS A 68 -8.65 -26.95 1.96
CA LYS A 68 -8.03 -25.70 2.36
C LYS A 68 -6.58 -25.91 2.79
N SER A 69 -6.34 -26.89 3.66
CA SER A 69 -5.00 -27.11 4.20
C SER A 69 -4.82 -28.57 4.55
N VAL A 70 -3.56 -28.99 4.63
CA VAL A 70 -3.18 -30.32 5.09
C VAL A 70 -2.09 -30.11 6.13
N PHE A 71 -2.45 -30.09 7.40
CA PHE A 71 -1.50 -29.94 8.49
C PHE A 71 -0.96 -31.30 8.91
N ALA A 72 0.09 -31.27 9.72
CA ALA A 72 0.73 -32.49 10.22
C ALA A 72 1.24 -32.22 11.63
N VAL A 73 0.58 -32.78 12.63
CA VAL A 73 0.98 -32.63 14.03
C VAL A 73 1.26 -34.01 14.59
N GLY A 74 2.44 -34.19 15.19
CA GLY A 74 2.83 -35.48 15.69
C GLY A 74 2.89 -36.52 14.58
N ASN A 75 2.32 -37.69 14.86
CA ASN A 75 2.22 -38.76 13.88
C ASN A 75 1.01 -38.63 12.97
N THR A 76 0.06 -37.77 13.31
CA THR A 76 -1.19 -37.65 12.57
C THR A 76 -1.11 -36.53 11.54
N VAL A 77 -2.09 -36.52 10.64
CA VAL A 77 -2.22 -35.49 9.62
C VAL A 77 -3.67 -35.05 9.57
N TYR A 78 -3.91 -33.75 9.72
CA TYR A 78 -5.24 -33.19 9.72
C TYR A 78 -5.50 -32.46 8.40
N MET A 79 -6.77 -32.42 7.99
CA MET A 79 -7.18 -31.72 6.79
C MET A 79 -8.31 -30.77 7.12
N THR A 80 -8.35 -29.65 6.41
CA THR A 80 -9.35 -28.61 6.64
C THR A 80 -9.98 -28.21 5.31
N SER A 81 -11.12 -27.55 5.39
CA SER A 81 -11.84 -27.08 4.22
C SER A 81 -12.17 -25.60 4.39
N PHE A 82 -12.63 -24.98 3.31
CA PHE A 82 -12.98 -23.57 3.33
C PHE A 82 -14.32 -23.38 4.01
N GLY A 83 -14.33 -22.71 5.14
CA GLY A 83 -15.55 -22.37 5.84
C GLY A 83 -16.09 -21.03 5.39
N ARG A 84 -16.75 -20.34 6.31
CA ARG A 84 -17.29 -19.01 6.02
C ARG A 84 -16.13 -18.02 5.89
N GLY A 85 -15.85 -17.59 4.67
CA GLY A 85 -14.79 -16.63 4.44
C GLY A 85 -13.40 -17.21 4.57
N ASN A 86 -12.65 -16.74 5.56
CA ASN A 86 -11.30 -17.23 5.83
C ASN A 86 -11.26 -18.26 6.95
N ASP A 87 -12.40 -18.64 7.50
CA ASP A 87 -12.42 -19.65 8.55
C ASP A 87 -11.99 -21.00 8.00
N ALA A 88 -11.36 -21.80 8.86
CA ALA A 88 -10.94 -23.15 8.52
C ALA A 88 -11.67 -24.12 9.43
N VAL A 89 -12.26 -25.16 8.84
CA VAL A 89 -13.00 -26.17 9.58
C VAL A 89 -12.38 -27.53 9.30
N LEU A 90 -12.08 -28.28 10.35
CA LEU A 90 -11.48 -29.59 10.20
C LEU A 90 -12.44 -30.54 9.49
N GLU A 91 -11.88 -31.39 8.63
CA GLU A 91 -12.66 -32.36 7.89
C GLU A 91 -12.41 -33.79 8.36
N GLN A 92 -11.16 -34.24 8.38
CA GLN A 92 -10.84 -35.55 8.92
C GLN A 92 -9.35 -35.64 9.22
N LYS A 93 -9.00 -36.61 10.06
CA LYS A 93 -7.63 -36.85 10.48
C LYS A 93 -7.18 -38.23 10.01
N ILE A 94 -5.89 -38.34 9.69
CA ILE A 94 -5.30 -39.56 9.16
C ILE A 94 -4.18 -40.00 10.10
N VAL A 95 -4.21 -41.27 10.49
CA VAL A 95 -3.11 -41.89 11.25
C VAL A 95 -2.74 -43.19 10.53
N ASP A 96 -1.70 -43.13 9.70
CA ASP A 96 -1.13 -44.29 9.01
C ASP A 96 -2.20 -45.04 8.21
N THR A 97 -2.69 -44.35 7.18
CA THR A 97 -3.67 -44.88 6.22
C THR A 97 -4.99 -45.30 6.89
N SER A 98 -5.30 -44.75 8.06
CA SER A 98 -6.60 -44.92 8.69
C SER A 98 -7.19 -43.56 8.99
N HIS A 99 -8.40 -43.30 8.47
CA HIS A 99 -9.02 -41.99 8.58
C HIS A 99 -10.22 -42.05 9.52
N GLU A 100 -10.23 -41.14 10.48
CA GLU A 100 -11.39 -40.94 11.34
C GLU A 100 -12.05 -39.62 10.93
N PRO A 101 -13.26 -39.66 10.38
CA PRO A 101 -13.86 -38.42 9.88
C PRO A 101 -14.28 -37.49 11.00
N LEU A 102 -14.28 -36.20 10.70
CA LEU A 102 -14.77 -35.13 11.55
C LEU A 102 -15.94 -34.44 10.83
N ASN A 103 -16.41 -33.32 11.39
CA ASN A 103 -17.51 -32.52 10.88
C ASN A 103 -18.61 -33.37 10.26
N ILE A 104 -19.06 -34.39 11.02
CA ILE A 104 -20.05 -35.33 10.53
C ILE A 104 -21.34 -34.64 10.13
N ASP A 105 -21.66 -33.50 10.76
CA ASP A 105 -22.91 -32.81 10.47
C ASP A 105 -22.99 -32.37 9.02
N ASP A 106 -22.04 -31.54 8.58
CA ASP A 106 -22.05 -30.96 7.24
C ASP A 106 -20.69 -31.19 6.58
N PRO A 107 -20.48 -32.36 5.98
CA PRO A 107 -19.19 -32.63 5.33
C PRO A 107 -18.98 -31.76 4.12
N ALA A 108 -17.71 -31.52 3.80
CA ALA A 108 -17.33 -30.76 2.61
C ALA A 108 -16.72 -31.62 1.52
N TYR A 109 -16.05 -32.71 1.86
CA TYR A 109 -15.59 -33.68 0.87
C TYR A 109 -15.40 -35.02 1.57
N GLN A 110 -15.27 -36.07 0.75
CA GLN A 110 -15.06 -37.41 1.26
C GLN A 110 -13.79 -38.00 0.65
N LEU A 111 -13.17 -38.92 1.37
CA LEU A 111 -11.95 -39.57 0.91
C LEU A 111 -12.30 -40.88 0.21
N ASN A 112 -11.75 -41.07 -0.99
CA ASN A 112 -11.99 -42.30 -1.71
C ASN A 112 -10.98 -43.38 -1.33
N VAL A 113 -9.69 -43.09 -1.52
CA VAL A 113 -8.62 -44.01 -1.14
C VAL A 113 -7.53 -43.20 -0.44
N VAL A 114 -7.08 -43.70 0.70
CA VAL A 114 -6.02 -43.07 1.48
C VAL A 114 -4.77 -43.93 1.35
N THR A 115 -3.65 -43.30 1.01
CA THR A 115 -2.38 -43.97 0.82
C THR A 115 -1.33 -43.26 1.65
N MET A 116 -0.19 -43.93 1.86
CA MET A 116 0.89 -43.33 2.62
C MET A 116 1.42 -42.08 1.95
N ASN A 117 1.49 -42.08 0.62
CA ASN A 117 2.09 -40.98 -0.13
C ASN A 117 1.06 -40.04 -0.75
N GLY A 118 -0.20 -40.13 -0.33
CA GLY A 118 -1.20 -39.21 -0.85
C GLY A 118 -2.62 -39.52 -0.41
N TYR A 119 -3.51 -38.53 -0.52
CA TYR A 119 -4.91 -38.68 -0.19
C TYR A 119 -5.74 -38.25 -1.39
N SER A 120 -6.70 -39.07 -1.77
CA SER A 120 -7.60 -38.77 -2.89
C SER A 120 -8.94 -38.29 -2.34
N VAL A 121 -9.40 -37.15 -2.84
CA VAL A 121 -10.60 -36.51 -2.35
C VAL A 121 -11.51 -36.18 -3.52
N THR A 122 -12.81 -36.08 -3.23
CA THR A 122 -13.78 -35.55 -4.16
C THR A 122 -14.70 -34.59 -3.43
N GLY A 123 -14.85 -33.38 -3.98
CA GLY A 123 -15.59 -32.33 -3.32
C GLY A 123 -16.70 -31.80 -4.20
N HIS A 124 -17.61 -31.06 -3.57
CA HIS A 124 -18.77 -30.48 -4.23
C HIS A 124 -18.84 -28.98 -3.96
N ARG A 125 -17.69 -28.32 -3.95
CA ARG A 125 -17.67 -26.88 -3.75
C ARG A 125 -18.42 -26.16 -4.86
N GLY A 126 -17.93 -26.27 -6.09
CA GLY A 126 -18.65 -25.79 -7.25
C GLY A 126 -19.08 -26.95 -8.12
N GLU A 127 -18.34 -27.19 -9.19
CA GLU A 127 -18.52 -28.40 -9.98
C GLU A 127 -17.77 -29.54 -9.30
N THR A 128 -18.37 -30.73 -9.29
CA THR A 128 -17.78 -31.89 -8.64
C THR A 128 -16.46 -32.26 -9.32
N VAL A 129 -15.35 -32.01 -8.64
CA VAL A 129 -14.02 -32.26 -9.18
C VAL A 129 -13.24 -33.13 -8.20
N SER A 130 -12.60 -34.17 -8.72
CA SER A 130 -11.80 -35.08 -7.90
C SER A 130 -10.34 -34.70 -8.03
N ALA A 131 -9.66 -34.61 -6.88
CA ALA A 131 -8.27 -34.19 -6.85
C ALA A 131 -7.51 -35.07 -5.86
N VAL A 132 -6.19 -34.92 -5.86
CA VAL A 132 -5.32 -35.68 -4.98
C VAL A 132 -4.35 -34.72 -4.29
N THR A 133 -4.09 -34.97 -3.01
CA THR A 133 -3.16 -34.18 -2.22
C THR A 133 -1.96 -35.06 -1.85
N ASP A 134 -0.98 -34.45 -1.19
CA ASP A 134 0.24 -35.12 -0.77
C ASP A 134 0.36 -35.12 0.75
N ASN A 135 1.03 -36.13 1.26
CA ASN A 135 1.17 -36.29 2.71
C ASN A 135 2.23 -35.32 3.22
N PRO A 136 1.89 -34.41 4.14
CA PRO A 136 2.91 -33.51 4.70
C PRO A 136 4.04 -34.24 5.40
N LEU A 137 3.75 -35.36 6.08
CA LEU A 137 4.80 -36.09 6.77
C LEU A 137 5.80 -36.72 5.82
N ARG A 138 5.46 -36.81 4.53
CA ARG A 138 6.33 -37.43 3.55
C ARG A 138 7.18 -36.43 2.79
N ARG A 139 7.10 -35.15 3.12
CA ARG A 139 7.95 -34.15 2.49
C ARG A 139 9.41 -34.41 2.81
N PHE A 140 10.26 -34.32 1.79
CA PHE A 140 11.69 -34.60 1.90
C PHE A 140 11.96 -36.03 2.37
N ASN A 141 11.03 -36.94 2.14
CA ASN A 141 11.19 -38.34 2.55
C ASN A 141 10.74 -39.26 1.43
N GLY A 142 11.19 -38.98 0.21
CA GLY A 142 10.82 -39.79 -0.93
C GLY A 142 11.78 -40.92 -1.17
N ARG A 143 12.52 -40.86 -2.28
CA ARG A 143 13.55 -41.86 -2.59
C ARG A 143 14.86 -41.49 -1.89
N LYS A 144 14.81 -41.53 -0.56
CA LYS A 144 15.95 -41.23 0.31
C LYS A 144 16.54 -39.86 0.01
N PRO A 148 11.90 -43.05 9.92
CA PRO A 148 12.56 -41.94 9.22
C PRO A 148 11.78 -41.48 8.00
N GLU A 149 10.79 -42.28 7.58
CA GLU A 149 9.98 -41.92 6.43
C GLU A 149 8.82 -40.98 6.79
N GLN A 150 8.52 -40.81 8.06
CA GLN A 150 7.42 -39.95 8.50
C GLN A 150 7.92 -39.02 9.58
N SER A 151 8.10 -37.74 9.24
CA SER A 151 8.50 -36.73 10.19
C SER A 151 7.90 -35.39 9.77
N VAL A 152 7.80 -34.48 10.73
CA VAL A 152 7.23 -33.17 10.44
C VAL A 152 8.14 -32.41 9.49
N PRO A 153 7.62 -31.87 8.38
CA PRO A 153 8.49 -31.16 7.44
C PRO A 153 9.04 -29.88 8.03
N THR A 154 10.22 -29.50 7.55
CA THR A 154 10.90 -28.28 7.95
C THR A 154 10.82 -27.25 6.82
N ASP A 155 11.05 -25.99 7.18
CA ASP A 155 10.95 -24.91 6.22
C ASP A 155 12.16 -24.91 5.30
N MET A 156 12.13 -24.05 4.29
CA MET A 156 13.25 -23.95 3.37
C MET A 156 14.51 -23.43 4.07
N LEU A 157 14.35 -22.41 4.92
CA LEU A 157 15.49 -21.80 5.59
C LEU A 157 15.97 -22.60 6.79
N CYS A 158 15.26 -23.67 7.15
CA CYS A 158 15.61 -24.49 8.31
C CYS A 158 15.65 -23.68 9.61
N LEU A 159 14.84 -22.63 9.68
CA LEU A 159 14.72 -21.81 10.87
C LEU A 159 13.41 -22.04 11.61
N LYS A 160 12.73 -23.16 11.34
CA LYS A 160 11.49 -23.44 12.04
C LYS A 160 11.68 -23.59 13.54
N PRO A 161 12.63 -24.39 14.05
CA PRO A 161 12.81 -24.44 15.51
C PRO A 161 13.15 -23.11 16.13
N THR A 162 13.99 -22.30 15.45
CA THR A 162 14.39 -21.01 16.00
C THR A 162 13.21 -20.06 16.06
N LEU A 163 12.43 -19.98 14.98
CA LEU A 163 11.26 -19.10 14.96
C LEU A 163 10.23 -19.53 15.99
N GLU A 164 10.01 -20.84 16.13
CA GLU A 164 9.07 -21.31 17.13
C GLU A 164 9.54 -21.00 18.54
N LYS A 165 10.82 -21.24 18.83
CA LYS A 165 11.35 -20.93 20.15
C LYS A 165 11.36 -19.43 20.42
N LYS A 166 11.41 -18.61 19.37
CA LYS A 166 11.36 -17.17 19.56
C LYS A 166 9.96 -16.69 19.87
N PHE A 167 8.99 -17.04 19.02
CA PHE A 167 7.64 -16.54 19.21
C PHE A 167 6.95 -17.20 20.39
N PHE A 168 7.03 -18.52 20.48
CA PHE A 168 6.44 -19.27 21.58
C PHE A 168 7.53 -19.71 22.55
N GLY A 169 7.11 -20.29 23.67
CA GLY A 169 8.04 -20.59 24.73
C GLY A 169 8.91 -21.81 24.51
N LYS A 170 8.65 -22.62 23.49
CA LYS A 170 9.36 -23.88 23.32
C LYS A 170 9.21 -24.35 21.89
N GLU A 171 9.82 -25.49 21.59
CA GLU A 171 9.69 -26.12 20.29
C GLU A 171 8.31 -26.74 20.12
N PHE A 172 7.89 -26.91 18.88
CA PHE A 172 6.61 -27.52 18.56
C PHE A 172 6.82 -28.58 17.48
N ASP A 173 6.28 -29.77 17.72
CA ASP A 173 6.41 -30.90 16.79
C ASP A 173 5.28 -30.92 15.77
N ASP A 174 5.08 -29.79 15.09
CA ASP A 174 3.99 -29.65 14.13
C ASP A 174 4.28 -28.47 13.21
N ASN A 175 3.61 -28.45 12.07
CA ASN A 175 3.82 -27.43 11.06
C ASN A 175 2.65 -26.45 10.97
N ILE A 176 1.84 -26.35 12.02
CA ILE A 176 0.77 -25.36 12.05
C ILE A 176 1.29 -24.01 12.52
N HIS A 177 2.12 -24.02 13.57
CA HIS A 177 2.62 -22.77 14.13
C HIS A 177 3.53 -22.03 13.16
N ILE A 178 4.27 -22.76 12.32
CA ILE A 178 5.22 -22.12 11.42
C ILE A 178 4.51 -21.25 10.41
N GLN A 179 3.31 -21.65 9.95
CA GLN A 179 2.58 -20.84 8.99
C GLN A 179 2.11 -19.53 9.63
N LEU A 180 1.64 -19.60 10.88
CA LEU A 180 1.26 -18.39 11.59
C LEU A 180 2.47 -17.48 11.80
N ILE A 181 3.62 -18.07 12.12
CA ILE A 181 4.84 -17.28 12.31
C ILE A 181 5.24 -16.60 11.01
N TYR A 182 5.11 -17.31 9.89
CA TYR A 182 5.45 -16.71 8.59
C TYR A 182 4.48 -15.61 8.21
N ASN A 183 3.20 -15.75 8.57
CA ASN A 183 2.26 -14.65 8.35
C ASN A 183 2.63 -13.43 9.18
N ILE A 184 3.03 -13.65 10.44
CA ILE A 184 3.48 -12.55 11.27
C ILE A 184 4.70 -11.87 10.65
N LEU A 185 5.64 -12.66 10.15
CA LEU A 185 6.81 -12.10 9.47
C LEU A 185 6.40 -11.31 8.24
N ASP A 186 5.44 -11.83 7.47
CA ASP A 186 4.96 -11.15 6.28
C ASP A 186 4.29 -9.82 6.63
N ILE A 187 3.74 -9.71 7.84
CA ILE A 187 3.16 -8.44 8.26
C ILE A 187 4.20 -7.33 8.22
N GLU A 188 5.43 -7.62 8.68
CA GLU A 188 6.49 -6.63 8.61
C GLU A 188 6.92 -6.34 7.18
N LYS A 189 6.86 -7.35 6.30
CA LYS A 189 7.27 -7.15 4.92
C LYS A 189 6.38 -6.14 4.21
N ILE A 190 5.06 -6.23 4.42
CA ILE A 190 4.13 -5.31 3.76
C ILE A 190 4.06 -3.96 4.44
N LEU A 191 4.73 -3.79 5.57
CA LEU A 191 4.80 -2.49 6.22
C LEU A 191 6.04 -1.70 5.85
N ALA A 192 7.16 -2.39 5.61
CA ALA A 192 8.39 -1.68 5.25
C ALA A 192 8.26 -1.02 3.89
N VAL A 193 7.53 -1.64 2.96
CA VAL A 193 7.36 -1.06 1.63
C VAL A 193 6.61 0.27 1.73
N TYR A 194 5.52 0.30 2.49
CA TYR A 194 4.73 1.52 2.60
C TYR A 194 5.36 2.54 3.55
N SER A 195 6.02 2.08 4.62
CA SER A 195 6.62 3.01 5.57
C SER A 195 7.77 3.78 4.94
N THR A 196 8.67 3.07 4.24
CA THR A 196 9.74 3.76 3.56
C THR A 196 9.25 4.58 2.37
N ASN A 197 8.03 4.31 1.90
CA ASN A 197 7.45 5.14 0.85
C ASN A 197 6.97 6.47 1.42
N ALA A 198 6.37 6.45 2.61
CA ALA A 198 5.95 7.68 3.26
C ALA A 198 7.16 8.53 3.63
N ILE A 199 8.23 7.91 4.12
CA ILE A 199 9.44 8.65 4.45
C ILE A 199 10.01 9.29 3.20
N TYR A 200 9.89 8.63 2.05
CA TYR A 200 10.35 9.20 0.80
C TYR A 200 9.65 10.53 0.51
N ALA A 201 8.33 10.56 0.68
CA ALA A 201 7.57 11.79 0.42
C ALA A 201 7.95 12.89 1.39
N LEU A 202 8.02 12.58 2.69
CA LEU A 202 8.33 13.60 3.68
C LEU A 202 9.74 14.16 3.49
N ASN A 203 10.72 13.28 3.28
CA ASN A 203 12.08 13.74 3.05
C ASN A 203 12.19 14.51 1.74
N ASN A 204 11.38 14.14 0.75
CA ASN A 204 11.44 14.79 -0.54
C ASN A 204 10.72 16.13 -0.53
N MET A 205 9.88 16.38 0.47
CA MET A 205 9.19 17.65 0.58
C MET A 205 10.14 18.80 0.90
N SER A 206 11.38 18.53 1.27
CA SER A 206 12.37 19.57 1.49
C SER A 206 12.71 20.34 0.22
N ALA A 207 12.36 19.80 -0.95
CA ALA A 207 12.54 20.48 -2.23
C ALA A 207 14.01 20.87 -2.46
N ASP A 208 14.92 19.97 -2.12
CA ASP A 208 16.32 20.21 -2.41
C ASP A 208 16.57 20.14 -3.90
N GLU A 209 17.26 21.14 -4.43
CA GLU A 209 17.46 21.27 -5.87
C GLU A 209 18.65 20.44 -6.36
N ASN A 210 19.80 20.56 -5.71
CA ASN A 210 21.01 19.88 -6.13
C ASN A 210 20.95 18.42 -5.70
N ILE A 211 22.08 17.72 -5.82
CA ILE A 211 22.17 16.35 -5.32
C ILE A 211 21.95 16.36 -3.81
N GLU A 212 21.07 15.48 -3.34
CA GLU A 212 20.63 15.48 -1.95
C GLU A 212 20.89 14.11 -1.34
N ASN A 213 21.63 14.10 -0.22
CA ASN A 213 21.86 12.90 0.57
C ASN A 213 21.35 13.09 1.99
N SER A 214 20.35 13.95 2.16
CA SER A 214 19.87 14.31 3.49
C SER A 214 19.26 13.10 4.19
N ASP A 215 19.40 13.08 5.52
CA ASP A 215 18.87 11.99 6.34
C ASP A 215 18.45 12.60 7.67
N PHE A 216 17.16 12.95 7.77
CA PHE A 216 16.60 13.53 8.99
C PHE A 216 15.93 12.47 9.86
N PHE A 217 15.00 11.71 9.28
CA PHE A 217 14.30 10.68 10.03
C PHE A 217 15.17 9.48 10.37
N MET A 218 16.37 9.39 9.80
CA MET A 218 17.21 8.22 10.01
C MET A 218 17.57 8.05 11.48
N LYS A 219 17.91 9.15 12.15
CA LYS A 219 18.36 9.12 13.52
C LYS A 219 17.21 9.21 14.53
N ARG A 220 15.99 9.49 14.07
CA ARG A 220 14.88 9.73 14.98
C ARG A 220 14.57 8.47 15.78
N THR A 221 14.43 8.64 17.09
CA THR A 221 14.13 7.54 18.00
C THR A 221 13.09 7.99 19.00
N THR A 222 12.25 7.06 19.42
CA THR A 222 11.18 7.33 20.38
C THR A 222 11.68 7.47 21.81
N ASP A 223 12.88 6.96 22.10
CA ASP A 223 13.38 6.97 23.47
C ASP A 223 13.52 8.38 24.02
N GLU A 224 13.80 9.36 23.15
CA GLU A 224 13.93 10.74 23.58
C GLU A 224 12.67 11.52 23.20
N THR A 225 12.23 12.38 24.11
CA THR A 225 11.06 13.21 23.88
C THR A 225 11.47 14.55 23.29
N PHE A 226 10.50 15.46 23.13
CA PHE A 226 10.82 16.78 22.60
C PHE A 226 11.55 17.63 23.62
N ASP A 227 11.35 17.37 24.91
CA ASP A 227 12.04 18.15 25.93
C ASP A 227 13.54 17.94 25.88
N ASP A 228 13.97 16.69 25.67
CA ASP A 228 15.39 16.43 25.48
C ASP A 228 15.88 16.91 24.13
N PHE A 229 15.04 16.81 23.09
CA PHE A 229 15.42 17.29 21.77
C PHE A 229 15.62 18.79 21.75
N GLU A 230 14.83 19.53 22.55
CA GLU A 230 14.97 20.97 22.63
C GLU A 230 16.25 21.40 23.31
N LYS A 231 16.89 20.51 24.07
CA LYS A 231 18.13 20.84 24.75
C LYS A 231 19.32 20.94 23.80
N LYS A 232 19.14 20.59 22.53
CA LYS A 232 20.24 20.65 21.57
C LYS A 232 20.40 22.04 20.96
N LYS A 233 19.62 23.03 21.39
CA LYS A 233 19.77 24.37 20.86
C LYS A 233 21.10 25.01 21.26
N GLU A 234 21.53 24.83 22.52
CA GLU A 234 22.82 25.34 22.97
C GLU A 234 23.84 24.22 23.14
N SER A 235 23.59 23.04 22.61
CA SER A 235 24.52 21.93 22.80
C SER A 235 25.85 22.24 22.13
N THR A 236 26.94 21.82 22.76
CA THR A 236 28.28 22.06 22.26
C THR A 236 28.71 21.04 21.21
N ASN A 237 27.88 20.06 20.90
CA ASN A 237 28.19 19.07 19.87
C ASN A 237 27.70 19.59 18.52
N SER A 238 28.58 19.53 17.52
CA SER A 238 28.24 20.04 16.20
C SER A 238 27.09 19.25 15.57
N ARG A 239 27.11 17.93 15.75
CA ARG A 239 26.11 17.09 15.09
C ARG A 239 24.70 17.40 15.58
N GLU A 240 24.54 17.61 16.89
CA GLU A 240 23.22 17.92 17.43
C GLU A 240 22.71 19.27 16.92
N LYS A 241 23.61 20.22 16.67
CA LYS A 241 23.21 21.49 16.09
C LYS A 241 22.51 21.28 14.75
N ALA A 242 23.13 20.49 13.86
CA ALA A 242 22.51 20.21 12.57
C ALA A 242 21.26 19.37 12.73
N ASP A 243 21.24 18.46 13.71
CA ASP A 243 20.06 17.66 13.96
C ASP A 243 18.86 18.53 14.30
N PHE A 244 19.08 19.56 15.11
CA PHE A 244 17.98 20.46 15.46
C PHE A 244 17.67 21.41 14.31
N ASP A 245 18.68 21.88 13.58
CA ASP A 245 18.44 22.82 12.50
C ASP A 245 17.66 22.18 11.37
N ALA A 246 17.89 20.90 11.09
CA ALA A 246 17.10 20.21 10.07
C ALA A 246 15.64 20.16 10.48
N PHE A 247 15.37 19.87 11.74
CA PHE A 247 13.99 19.85 12.23
C PHE A 247 13.35 21.23 12.14
N GLU A 248 14.10 22.27 12.49
CA GLU A 248 13.57 23.63 12.40
C GLU A 248 13.24 23.99 10.96
N LYS A 249 14.13 23.64 10.02
CA LYS A 249 13.85 23.88 8.61
C LYS A 249 12.64 23.10 8.15
N PHE A 250 12.49 21.86 8.63
CA PHE A 250 11.35 21.05 8.22
C PHE A 250 10.03 21.65 8.70
N ILE A 251 9.98 22.09 9.96
CA ILE A 251 8.75 22.67 10.46
C ILE A 251 8.49 24.05 9.89
N GLY A 252 9.53 24.74 9.44
CA GLY A 252 9.32 26.01 8.76
C GLY A 252 8.94 25.90 7.31
N ASN A 253 8.88 24.69 6.76
CA ASN A 253 8.60 24.50 5.35
C ASN A 253 7.15 24.83 5.02
N TYR A 254 6.94 25.41 3.85
CA TYR A 254 5.60 25.76 3.39
C TYR A 254 4.84 24.56 2.84
N ARG A 255 5.51 23.44 2.61
CA ARG A 255 4.88 22.29 2.00
C ARG A 255 4.32 21.30 3.01
N LEU A 256 4.41 21.59 4.31
CA LEU A 256 3.72 20.79 5.29
C LEU A 256 2.21 20.87 5.14
N ALA A 257 1.71 21.91 4.47
CA ALA A 257 0.27 22.03 4.23
C ALA A 257 -0.24 20.93 3.30
N TYR A 258 0.64 20.25 2.58
CA TYR A 258 0.22 19.14 1.75
C TYR A 258 -0.28 17.94 2.55
N PHE A 259 -0.01 17.93 3.85
CA PHE A 259 -0.44 16.86 4.76
C PHE A 259 -1.19 17.46 5.95
N ALA A 260 -2.16 18.32 5.64
CA ALA A 260 -2.85 19.09 6.67
C ALA A 260 -3.59 18.22 7.66
N ASP A 261 -4.00 17.01 7.27
CA ASP A 261 -4.70 16.14 8.21
C ASP A 261 -3.78 15.64 9.32
N ALA A 262 -2.47 15.67 9.11
CA ALA A 262 -1.53 15.22 10.13
C ALA A 262 -0.72 16.36 10.72
N PHE A 263 -0.56 17.47 10.00
CA PHE A 263 0.27 18.57 10.47
C PHE A 263 -0.53 19.82 10.83
N TYR A 264 -1.85 19.81 10.69
CA TYR A 264 -2.66 20.98 10.95
C TYR A 264 -3.84 20.62 11.84
N VAL A 265 -4.25 21.58 12.67
CA VAL A 265 -5.36 21.42 13.61
C VAL A 265 -6.35 22.56 13.36
N ASN A 266 -7.63 22.20 13.31
CA ASN A 266 -8.69 23.14 12.92
C ASN A 266 -9.10 23.98 14.13
N LYS A 267 -8.22 24.91 14.51
CA LYS A 267 -8.51 25.89 15.54
C LYS A 267 -7.43 26.97 15.56
N LYS A 273 -14.66 33.76 12.88
CA LYS A 273 -14.61 32.33 12.60
C LYS A 273 -13.23 31.76 12.92
N ALA A 274 -13.17 30.44 13.07
CA ALA A 274 -11.91 29.77 13.33
C ALA A 274 -11.19 29.46 12.02
N LYS A 275 -9.94 29.01 12.15
CA LYS A 275 -9.12 28.65 11.00
C LYS A 275 -8.20 27.51 11.40
N ASN A 276 -7.69 26.80 10.40
CA ASN A 276 -6.77 25.69 10.63
C ASN A 276 -5.34 26.19 10.51
N VAL A 277 -4.56 26.01 11.58
CA VAL A 277 -3.21 26.53 11.66
C VAL A 277 -2.25 25.36 11.83
N LEU A 278 -0.95 25.68 11.76
CA LEU A 278 0.07 24.67 11.94
C LEU A 278 0.06 24.16 13.38
N ARG A 279 0.30 22.85 13.53
CA ARG A 279 0.31 22.26 14.87
C ARG A 279 1.50 22.78 15.67
N GLU A 280 1.48 22.49 16.96
CA GLU A 280 2.60 22.87 17.81
C GLU A 280 3.85 22.09 17.42
N ASP A 281 4.99 22.70 17.74
CA ASP A 281 6.28 22.08 17.40
C ASP A 281 6.41 20.70 18.03
N LYS A 282 5.92 20.55 19.26
CA LYS A 282 6.00 19.26 19.93
C LYS A 282 5.23 18.19 19.16
N GLU A 283 4.02 18.51 18.70
CA GLU A 283 3.23 17.53 17.97
C GLU A 283 3.82 17.23 16.61
N LEU A 284 4.35 18.25 15.92
CA LEU A 284 5.03 18.01 14.66
C LEU A 284 6.21 17.07 14.85
N TYR A 285 7.02 17.32 15.88
CA TYR A 285 8.17 16.47 16.16
C TYR A 285 7.72 15.06 16.49
N SER A 286 6.63 14.92 17.24
CA SER A 286 6.15 13.58 17.60
C SER A 286 5.71 12.81 16.36
N VAL A 287 4.99 13.46 15.45
CA VAL A 287 4.58 12.79 14.21
C VAL A 287 5.81 12.36 13.42
N LEU A 288 6.77 13.26 13.25
CA LEU A 288 7.96 12.94 12.48
C LEU A 288 8.74 11.79 13.12
N THR A 289 8.89 11.83 14.45
CA THR A 289 9.61 10.78 15.15
C THR A 289 8.90 9.44 15.02
N LEU A 290 7.57 9.43 15.12
CA LEU A 290 6.83 8.19 14.98
C LEU A 290 7.04 7.59 13.59
N ILE A 291 6.94 8.41 12.55
CA ILE A 291 7.12 7.88 11.19
C ILE A 291 8.55 7.38 10.99
N GLY A 292 9.53 8.16 11.47
CA GLY A 292 10.92 7.75 11.31
C GLY A 292 11.25 6.48 12.05
N LYS A 293 10.74 6.34 13.28
CA LYS A 293 10.98 5.13 14.05
C LYS A 293 10.27 3.93 13.45
N LEU A 294 9.08 4.15 12.87
CA LEU A 294 8.42 3.04 12.17
C LEU A 294 9.25 2.58 10.98
N ARG A 295 9.82 3.52 10.22
CA ARG A 295 10.68 3.13 9.11
C ARG A 295 11.93 2.42 9.60
N HIS A 296 12.52 2.91 10.69
CA HIS A 296 13.72 2.29 11.26
C HIS A 296 13.45 0.87 11.72
N TRP A 297 12.35 0.66 12.44
CA TRP A 297 12.00 -0.67 12.92
C TRP A 297 11.59 -1.61 11.81
N CYS A 298 10.93 -1.11 10.77
CA CYS A 298 10.51 -1.95 9.65
C CYS A 298 11.69 -2.42 8.80
N VAL A 299 12.68 -1.57 8.59
CA VAL A 299 13.79 -1.93 7.72
C VAL A 299 14.90 -2.65 8.49
N HIS A 300 15.39 -2.06 9.56
CA HIS A 300 16.49 -2.62 10.33
C HIS A 300 15.97 -3.70 11.28
N SER A 301 16.88 -4.23 12.10
CA SER A 301 16.51 -5.20 13.13
C SER A 301 17.37 -4.87 14.36
N GLU A 302 16.84 -4.03 15.24
CA GLU A 302 17.60 -3.57 16.38
C GLU A 302 17.67 -4.65 17.45
N GLU A 303 18.78 -4.67 18.19
CA GLU A 303 18.99 -5.62 19.26
C GLU A 303 18.44 -5.07 20.56
N GLY A 304 17.79 -5.94 21.32
CA GLY A 304 17.21 -5.53 22.59
C GLY A 304 15.72 -5.32 22.50
N ARG A 305 15.18 -4.46 23.37
CA ARG A 305 13.73 -4.21 23.38
C ARG A 305 13.26 -3.46 22.15
N ALA A 306 14.16 -2.85 21.39
CA ALA A 306 13.75 -2.12 20.19
C ALA A 306 13.25 -3.05 19.09
N GLU A 307 13.45 -4.35 19.21
CA GLU A 307 12.95 -5.29 18.21
C GLU A 307 11.44 -5.51 18.34
N PHE A 308 10.85 -5.14 19.47
CA PHE A 308 9.43 -5.34 19.73
C PHE A 308 8.71 -4.02 19.95
N TRP A 309 9.14 -2.97 19.25
CA TRP A 309 8.55 -1.65 19.42
C TRP A 309 7.12 -1.62 18.88
N LEU A 310 6.91 -2.12 17.66
CA LEU A 310 5.58 -2.11 17.08
C LEU A 310 4.62 -2.99 17.88
N TYR A 311 5.10 -4.12 18.37
CA TYR A 311 4.28 -5.04 19.13
C TYR A 311 4.20 -4.68 20.61
N LYS A 312 4.86 -3.60 21.02
CA LYS A 312 4.74 -3.10 22.38
C LYS A 312 4.63 -1.57 22.37
N LEU A 313 3.91 -1.03 21.39
CA LEU A 313 3.58 0.39 21.36
C LEU A 313 2.83 0.86 22.60
N ASP A 314 2.38 -0.06 23.46
CA ASP A 314 1.76 0.33 24.72
C ASP A 314 2.70 1.17 25.57
N GLU A 315 4.01 0.92 25.50
CA GLU A 315 4.98 1.63 26.32
C GLU A 315 5.41 2.96 25.73
N LEU A 316 4.72 3.45 24.69
CA LEU A 316 5.07 4.74 24.11
C LEU A 316 4.93 5.84 25.14
N LYS A 317 5.61 6.95 24.89
CA LYS A 317 5.56 8.07 25.81
C LYS A 317 4.21 8.79 25.71
N ASP A 318 3.94 9.63 26.71
CA ASP A 318 2.66 10.33 26.77
C ASP A 318 2.50 11.26 25.58
N ASP A 319 3.58 11.93 25.17
CA ASP A 319 3.51 12.85 24.04
C ASP A 319 3.10 12.11 22.77
N PHE A 320 3.74 10.97 22.49
CA PHE A 320 3.41 10.21 21.30
C PHE A 320 1.99 9.66 21.35
N LYS A 321 1.56 9.18 22.52
CA LYS A 321 0.19 8.71 22.67
C LYS A 321 -0.81 9.82 22.38
N ASN A 322 -0.57 11.01 22.95
CA ASN A 322 -1.49 12.11 22.77
C ASN A 322 -1.54 12.56 21.31
N VAL A 323 -0.39 12.60 20.64
CA VAL A 323 -0.38 13.01 19.25
C VAL A 323 -1.12 12.00 18.38
N LEU A 324 -0.92 10.70 18.65
CA LEU A 324 -1.66 9.68 17.91
C LEU A 324 -3.15 9.82 18.13
N ASP A 325 -3.57 10.05 19.38
CA ASP A 325 -4.99 10.24 19.67
C ASP A 325 -5.54 11.44 18.90
N VAL A 326 -4.79 12.55 18.89
CA VAL A 326 -5.29 13.76 18.26
C VAL A 326 -5.41 13.58 16.74
N VAL A 327 -4.41 12.95 16.11
CA VAL A 327 -4.48 12.78 14.66
C VAL A 327 -5.60 11.81 14.30
N TYR A 328 -5.81 10.77 15.12
CA TYR A 328 -6.88 9.82 14.80
C TYR A 328 -8.26 10.40 15.06
N ASN A 329 -8.38 11.34 16.00
CA ASN A 329 -9.68 11.92 16.33
C ASN A 329 -10.18 12.90 15.27
N ARG A 330 -9.33 13.33 14.34
CA ARG A 330 -9.74 14.35 13.38
C ARG A 330 -10.92 13.92 12.51
N PRO A 331 -10.93 12.73 11.87
CA PRO A 331 -12.08 12.38 11.05
C PRO A 331 -13.26 11.87 11.85
N VAL A 332 -12.98 11.18 12.95
CA VAL A 332 -14.06 10.58 13.75
C VAL A 332 -14.94 11.67 14.34
N GLU A 333 -14.33 12.75 14.83
CA GLU A 333 -15.13 13.87 15.32
C GLU A 333 -15.91 14.52 14.19
N GLU A 334 -15.30 14.63 13.01
CA GLU A 334 -15.98 15.21 11.86
C GLU A 334 -17.11 14.33 11.34
N ILE A 335 -17.08 13.03 11.63
CA ILE A 335 -18.10 12.11 11.14
C ILE A 335 -19.22 11.94 12.16
N ASN A 336 -18.90 11.85 13.45
CA ASN A 336 -19.91 11.63 14.48
C ASN A 336 -20.49 12.95 15.00
N ASN A 337 -19.63 13.83 15.52
CA ASN A 337 -20.11 14.97 16.29
C ASN A 337 -20.89 15.98 15.46
N ARG A 338 -20.71 16.00 14.15
CA ARG A 338 -21.43 16.94 13.30
C ARG A 338 -22.17 16.21 12.17
N PHE A 339 -22.55 14.95 12.40
CA PHE A 339 -23.32 14.21 11.41
C PHE A 339 -24.67 14.87 11.17
N ILE A 340 -25.36 15.24 12.25
CA ILE A 340 -26.65 15.90 12.12
C ILE A 340 -26.51 17.23 11.40
N GLU A 341 -25.51 18.03 11.77
CA GLU A 341 -25.33 19.31 11.12
C GLU A 341 -24.96 19.16 9.65
N ASN A 342 -24.24 18.08 9.31
CA ASN A 342 -23.85 17.89 7.92
C ASN A 342 -24.99 17.36 7.06
N ASN A 343 -25.90 16.58 7.63
CA ASN A 343 -27.00 15.99 6.86
C ASN A 343 -28.36 16.49 7.35
N LYS A 344 -28.42 17.72 7.85
CA LYS A 344 -29.66 18.26 8.39
C LYS A 344 -30.79 18.26 7.37
N VAL A 345 -30.51 18.66 6.13
CA VAL A 345 -31.57 18.76 5.13
C VAL A 345 -32.17 17.38 4.86
N ASN A 346 -31.30 16.39 4.62
CA ASN A 346 -31.79 15.04 4.36
C ASN A 346 -32.52 14.47 5.55
N ILE A 347 -32.00 14.71 6.76
CA ILE A 347 -32.63 14.15 7.96
C ILE A 347 -34.02 14.75 8.15
N GLN A 348 -34.15 16.06 7.98
CA GLN A 348 -35.45 16.70 8.14
C GLN A 348 -36.43 16.25 7.07
N ILE A 349 -35.98 16.11 5.82
CA ILE A 349 -36.87 15.67 4.77
C ILE A 349 -37.35 14.24 5.02
N LEU A 350 -36.44 13.36 5.44
CA LEU A 350 -36.83 11.99 5.75
C LEU A 350 -37.74 11.94 6.97
N GLY A 351 -37.53 12.82 7.94
CA GLY A 351 -38.44 12.88 9.08
C GLY A 351 -39.84 13.31 8.68
N SER A 352 -39.93 14.26 7.74
CA SER A 352 -41.23 14.67 7.23
C SER A 352 -41.88 13.54 6.44
N VAL A 353 -41.07 12.76 5.72
CA VAL A 353 -41.63 11.66 4.91
C VAL A 353 -42.13 10.54 5.81
N TYR A 354 -41.24 9.94 6.58
CA TYR A 354 -41.59 8.87 7.51
C TYR A 354 -42.18 9.50 8.77
N LYS A 355 -43.47 9.81 8.72
CA LYS A 355 -44.11 10.52 9.83
C LYS A 355 -44.16 9.66 11.09
N ASN A 356 -44.48 8.38 10.94
CA ASN A 356 -44.79 7.55 12.11
C ASN A 356 -43.56 7.09 12.87
N THR A 357 -42.36 7.24 12.31
CA THR A 357 -41.18 6.73 13.00
C THR A 357 -40.64 7.78 13.96
N ASP A 358 -39.75 7.33 14.85
CA ASP A 358 -39.07 8.21 15.79
C ASP A 358 -37.80 8.74 15.14
N ILE A 359 -37.60 10.05 15.20
CA ILE A 359 -36.47 10.67 14.52
C ILE A 359 -35.15 10.20 15.11
N ALA A 360 -35.14 9.85 16.40
CA ALA A 360 -33.92 9.35 17.02
C ALA A 360 -33.49 8.02 16.41
N GLU A 361 -34.46 7.17 16.06
CA GLU A 361 -34.12 5.94 15.34
C GLU A 361 -33.83 6.22 13.88
N LEU A 362 -34.50 7.21 13.28
CA LEU A 362 -34.28 7.51 11.87
C LEU A 362 -32.85 7.99 11.63
N VAL A 363 -32.32 8.83 12.53
CA VAL A 363 -30.95 9.30 12.35
C VAL A 363 -29.96 8.16 12.51
N ARG A 364 -30.23 7.23 13.43
CA ARG A 364 -29.36 6.07 13.58
C ARG A 364 -29.38 5.20 12.33
N SER A 365 -30.56 4.99 11.75
CA SER A 365 -30.64 4.22 10.50
C SER A 365 -29.91 4.93 9.37
N TYR A 366 -30.03 6.26 9.29
CA TYR A 366 -29.31 7.00 8.27
C TYR A 366 -27.80 6.90 8.47
N TYR A 367 -27.36 6.94 9.72
CA TYR A 367 -25.93 6.77 10.01
C TYR A 367 -25.45 5.39 9.58
N GLU A 368 -26.24 4.35 9.87
CA GLU A 368 -25.88 3.01 9.43
C GLU A 368 -25.86 2.91 7.91
N PHE A 369 -26.73 3.66 7.24
CA PHE A 369 -26.78 3.59 5.77
C PHE A 369 -25.63 4.35 5.13
N LEU A 370 -25.15 5.43 5.75
CA LEU A 370 -24.14 6.27 5.13
C LEU A 370 -22.73 5.93 5.58
N ILE A 371 -22.47 5.92 6.89
CA ILE A 371 -21.12 5.82 7.41
C ILE A 371 -20.70 4.37 7.58
N THR A 372 -21.41 3.64 8.45
CA THR A 372 -21.00 2.27 8.76
C THR A 372 -21.21 1.35 7.57
N LYS A 373 -22.39 1.41 6.95
CA LYS A 373 -22.72 0.60 5.77
C LYS A 373 -22.59 -0.89 6.06
N LYS A 374 -23.34 -1.36 7.05
CA LYS A 374 -23.30 -2.77 7.43
C LYS A 374 -24.48 -3.58 6.95
N TYR A 375 -25.66 -2.97 6.77
CA TYR A 375 -26.77 -3.66 6.14
C TYR A 375 -26.87 -3.38 4.65
N LYS A 376 -25.94 -2.61 4.08
CA LYS A 376 -26.02 -2.24 2.67
C LYS A 376 -25.81 -3.42 1.74
N ASN A 377 -25.24 -4.52 2.23
CA ASN A 377 -25.00 -5.70 1.40
C ASN A 377 -26.27 -6.56 1.38
N MET A 378 -27.29 -6.03 0.73
CA MET A 378 -28.60 -6.68 0.66
C MET A 378 -28.66 -7.81 -0.34
N GLY A 379 -27.65 -7.95 -1.19
CA GLY A 379 -27.66 -8.97 -2.22
C GLY A 379 -28.16 -8.51 -3.58
N PHE A 380 -28.36 -7.21 -3.77
CA PHE A 380 -28.75 -6.68 -5.06
C PHE A 380 -28.36 -5.21 -5.13
N SER A 381 -28.28 -4.69 -6.34
CA SER A 381 -27.78 -3.33 -6.57
C SER A 381 -28.95 -2.36 -6.41
N ILE A 382 -28.95 -1.63 -5.30
CA ILE A 382 -30.01 -0.66 -5.06
C ILE A 382 -29.93 0.47 -6.07
N LYS A 383 -28.72 0.84 -6.50
CA LYS A 383 -28.58 1.88 -7.53
C LYS A 383 -29.23 1.46 -8.83
N LYS A 384 -28.93 0.24 -9.30
CA LYS A 384 -29.53 -0.26 -10.52
C LYS A 384 -31.04 -0.39 -10.37
N LEU A 385 -31.50 -0.81 -9.20
CA LEU A 385 -32.94 -0.87 -8.95
C LEU A 385 -33.57 0.51 -9.04
N ARG A 386 -32.91 1.52 -8.47
CA ARG A 386 -33.47 2.86 -8.47
C ARG A 386 -33.55 3.45 -9.87
N GLU A 387 -32.53 3.23 -10.69
CA GLU A 387 -32.61 3.78 -12.04
C GLU A 387 -33.35 2.87 -13.01
N SER A 388 -33.69 1.65 -12.61
CA SER A 388 -34.68 0.92 -13.39
C SER A 388 -36.08 1.36 -13.01
N MET A 389 -36.26 1.84 -11.78
CA MET A 389 -37.57 2.37 -11.38
C MET A 389 -37.82 3.75 -11.98
N LEU A 390 -36.82 4.62 -11.95
CA LEU A 390 -36.99 6.01 -12.34
C LEU A 390 -36.80 6.25 -13.84
N GLU A 391 -36.39 5.22 -14.59
CA GLU A 391 -36.19 5.40 -16.02
C GLU A 391 -37.49 5.71 -16.73
N GLY A 392 -37.43 6.61 -17.71
CA GLY A 392 -38.61 6.95 -18.49
C GLY A 392 -39.58 7.88 -17.80
N LYS A 393 -39.23 8.41 -16.64
CA LYS A 393 -40.10 9.30 -15.89
C LYS A 393 -39.63 10.74 -16.07
N GLY A 394 -40.23 11.65 -15.31
CA GLY A 394 -39.91 13.05 -15.45
C GLY A 394 -38.66 13.52 -14.74
N TYR A 395 -37.96 12.63 -14.03
CA TYR A 395 -36.81 13.02 -13.24
C TYR A 395 -35.52 13.06 -14.05
N ALA A 396 -35.56 12.76 -15.34
CA ALA A 396 -34.38 12.83 -16.19
C ALA A 396 -34.15 14.22 -16.75
N ASP A 397 -34.99 15.19 -16.40
CA ASP A 397 -34.87 16.54 -16.93
C ASP A 397 -33.62 17.24 -16.40
N LYS A 398 -33.22 18.31 -17.09
CA LYS A 398 -32.08 19.10 -16.66
C LYS A 398 -32.37 19.94 -15.42
N GLU A 399 -33.61 19.97 -14.95
CA GLU A 399 -33.94 20.80 -13.80
C GLU A 399 -33.41 20.23 -12.50
N TYR A 400 -33.28 18.91 -12.40
CA TYR A 400 -33.03 18.25 -11.12
C TYR A 400 -31.58 17.88 -10.86
N ASP A 401 -30.66 18.20 -11.77
CA ASP A 401 -29.27 17.84 -11.56
C ASP A 401 -28.63 18.60 -10.41
N SER A 402 -29.14 19.79 -10.09
CA SER A 402 -28.60 20.54 -8.96
C SER A 402 -28.86 19.86 -7.63
N VAL A 403 -29.78 18.90 -7.58
CA VAL A 403 -30.17 18.28 -6.32
C VAL A 403 -30.16 16.77 -6.45
N ARG A 404 -29.71 16.26 -7.61
CA ARG A 404 -29.61 14.81 -7.79
C ARG A 404 -28.81 14.14 -6.69
N ASN A 405 -27.72 14.77 -6.25
CA ASN A 405 -26.86 14.16 -5.25
C ASN A 405 -27.62 13.84 -3.97
N LYS A 406 -28.67 14.61 -3.66
CA LYS A 406 -29.50 14.30 -2.50
C LYS A 406 -30.70 13.45 -2.86
N LEU A 407 -31.30 13.70 -4.02
CA LEU A 407 -32.52 12.97 -4.40
C LEU A 407 -32.24 11.49 -4.56
N TYR A 408 -31.19 11.14 -5.32
CA TYR A 408 -30.89 9.73 -5.55
C TYR A 408 -30.51 9.03 -4.26
N GLN A 409 -29.72 9.69 -3.42
CA GLN A 409 -29.31 9.08 -2.15
C GLN A 409 -30.50 8.88 -1.23
N MET A 410 -31.43 9.83 -1.20
CA MET A 410 -32.61 9.67 -0.35
C MET A 410 -33.51 8.55 -0.88
N THR A 411 -33.64 8.44 -2.20
CA THR A 411 -34.39 7.33 -2.77
C THR A 411 -33.75 5.99 -2.42
N ASP A 412 -32.42 5.93 -2.48
CA ASP A 412 -31.72 4.71 -2.08
C ASP A 412 -31.99 4.39 -0.61
N PHE A 413 -31.97 5.40 0.26
CA PHE A 413 -32.27 5.15 1.66
C PHE A 413 -33.69 4.65 1.85
N ILE A 414 -34.63 5.20 1.09
CA ILE A 414 -36.02 4.75 1.20
C ILE A 414 -36.14 3.28 0.80
N LEU A 415 -35.51 2.92 -0.32
CA LEU A 415 -35.54 1.53 -0.77
C LEU A 415 -34.87 0.61 0.25
N TYR A 416 -33.73 1.03 0.79
CA TYR A 416 -33.01 0.21 1.76
C TYR A 416 -33.82 0.01 3.02
N THR A 417 -34.46 1.06 3.53
CA THR A 417 -35.30 0.93 4.71
C THR A 417 -36.49 0.02 4.43
N GLY A 418 -37.11 0.16 3.27
CA GLY A 418 -38.22 -0.71 2.92
C GLY A 418 -37.81 -2.17 2.89
N TYR A 419 -36.70 -2.46 2.22
CA TYR A 419 -36.25 -3.84 2.13
C TYR A 419 -35.77 -4.38 3.48
N ILE A 420 -35.28 -3.50 4.36
CA ILE A 420 -34.87 -3.95 5.68
C ILE A 420 -36.09 -4.32 6.53
N ASN A 421 -37.14 -3.51 6.49
CA ASN A 421 -38.25 -3.66 7.42
C ASN A 421 -39.42 -4.46 6.84
N GLU A 422 -40.01 -3.99 5.74
CA GLU A 422 -41.29 -4.54 5.30
C GLU A 422 -41.19 -5.49 4.12
N ASP A 423 -40.18 -5.35 3.28
CA ASP A 423 -40.01 -6.19 2.10
C ASP A 423 -38.75 -7.06 2.19
N SER A 424 -38.45 -7.54 3.40
CA SER A 424 -37.34 -8.48 3.55
C SER A 424 -37.60 -9.76 2.78
N ASP A 425 -38.84 -10.25 2.81
CA ASP A 425 -39.19 -11.44 2.04
C ASP A 425 -39.01 -11.21 0.55
N ARG A 426 -39.42 -10.05 0.06
CA ARG A 426 -39.24 -9.75 -1.35
C ARG A 426 -37.76 -9.63 -1.70
N ALA A 427 -36.96 -9.07 -0.80
CA ALA A 427 -35.53 -8.99 -1.04
C ALA A 427 -34.90 -10.38 -1.10
N ASP A 428 -35.33 -11.28 -0.22
CA ASP A 428 -34.82 -12.65 -0.25
C ASP A 428 -35.23 -13.35 -1.54
N ASP A 429 -36.48 -13.16 -1.98
CA ASP A 429 -36.91 -13.75 -3.25
C ASP A 429 -36.10 -13.20 -4.41
N LEU A 430 -35.84 -11.89 -4.40
CA LEU A 430 -35.06 -11.27 -5.47
C LEU A 430 -33.63 -11.83 -5.50
N VAL A 431 -33.00 -11.97 -4.33
CA VAL A 431 -31.63 -12.47 -4.31
C VAL A 431 -31.59 -13.94 -4.71
N ASN A 432 -32.60 -14.71 -4.33
CA ASN A 432 -32.66 -16.11 -4.75
C ASN A 432 -32.81 -16.22 -6.26
N THR A 433 -33.67 -15.39 -6.86
CA THR A 433 -33.82 -15.41 -8.31
C THR A 433 -32.54 -14.97 -9.00
N LEU A 434 -31.86 -13.97 -8.45
CA LEU A 434 -30.63 -13.49 -9.08
C LEU A 434 -29.50 -14.49 -8.95
N ARG A 435 -29.50 -15.30 -7.89
CA ARG A 435 -28.41 -16.26 -7.70
C ARG A 435 -28.43 -17.36 -8.74
N SER A 436 -29.60 -17.66 -9.32
CA SER A 436 -29.73 -18.72 -10.31
C SER A 436 -29.96 -18.16 -11.71
N SER A 437 -29.65 -16.88 -11.93
CA SER A 437 -29.86 -16.27 -13.23
C SER A 437 -28.92 -16.88 -14.28
N LEU A 438 -29.43 -16.98 -15.51
CA LEU A 438 -28.68 -17.62 -16.59
C LEU A 438 -27.89 -16.61 -17.41
N LYS A 439 -28.57 -15.66 -18.02
CA LYS A 439 -27.96 -14.70 -18.94
C LYS A 439 -28.24 -13.27 -18.48
N GLU A 440 -27.65 -12.32 -19.20
CA GLU A 440 -27.87 -10.90 -18.88
C GLU A 440 -29.31 -10.50 -19.13
N ASP A 441 -29.98 -11.14 -20.08
CA ASP A 441 -31.37 -10.79 -20.38
C ASP A 441 -32.28 -11.06 -19.20
N ASP A 442 -32.03 -12.15 -18.46
CA ASP A 442 -32.86 -12.46 -17.31
C ASP A 442 -32.66 -11.45 -16.19
N LYS A 443 -31.41 -11.06 -15.93
CA LYS A 443 -31.11 -10.18 -14.80
C LYS A 443 -31.80 -8.84 -14.95
N THR A 444 -31.72 -8.24 -16.14
CA THR A 444 -32.35 -6.95 -16.35
C THR A 444 -33.87 -7.06 -16.29
N THR A 445 -34.43 -8.19 -16.71
CA THR A 445 -35.88 -8.38 -16.62
C THR A 445 -36.34 -8.46 -15.17
N VAL A 446 -35.62 -9.22 -14.34
CA VAL A 446 -35.97 -9.30 -12.92
C VAL A 446 -35.84 -7.92 -12.27
N TYR A 447 -34.77 -7.19 -12.61
CA TYR A 447 -34.61 -5.85 -12.08
C TYR A 447 -35.75 -4.94 -12.52
N CYS A 448 -36.19 -5.05 -13.77
CA CYS A 448 -37.29 -4.23 -14.25
C CYS A 448 -38.59 -4.53 -13.50
N LYS A 449 -38.87 -5.80 -13.27
CA LYS A 449 -40.08 -6.15 -12.52
C LYS A 449 -40.03 -5.61 -11.09
N GLU A 450 -38.91 -5.81 -10.40
CA GLU A 450 -38.78 -5.30 -9.05
C GLU A 450 -38.89 -3.78 -9.02
N ALA A 451 -38.29 -3.12 -10.02
CA ALA A 451 -38.35 -1.66 -10.09
C ALA A 451 -39.77 -1.18 -10.32
N ASP A 452 -40.53 -1.90 -11.16
CA ASP A 452 -41.93 -1.52 -11.35
C ASP A 452 -42.70 -1.60 -10.06
N TYR A 453 -42.49 -2.67 -9.29
CA TYR A 453 -43.17 -2.75 -7.99
C TYR A 453 -42.73 -1.63 -7.05
N LEU A 454 -41.43 -1.35 -6.99
CA LEU A 454 -40.94 -0.29 -6.10
C LEU A 454 -41.49 1.07 -6.48
N TRP A 455 -41.57 1.37 -7.78
CA TRP A 455 -42.16 2.64 -8.19
C TRP A 455 -43.63 2.71 -7.82
N LYS A 456 -44.39 1.65 -8.13
CA LYS A 456 -45.80 1.66 -7.78
C LYS A 456 -46.01 1.79 -6.28
N LYS A 457 -45.02 1.43 -5.47
CA LYS A 457 -45.14 1.58 -4.02
C LYS A 457 -44.68 2.94 -3.52
N TYR A 458 -43.63 3.51 -4.09
CA TYR A 458 -42.97 4.69 -3.54
C TYR A 458 -43.12 5.94 -4.40
N ARG A 459 -44.02 5.94 -5.38
CA ARG A 459 -44.17 7.13 -6.23
C ARG A 459 -44.50 8.37 -5.42
N GLU A 460 -45.47 8.26 -4.51
CA GLU A 460 -45.89 9.42 -3.75
C GLU A 460 -44.78 9.93 -2.85
N SER A 461 -44.08 9.02 -2.18
CA SER A 461 -42.98 9.44 -1.31
C SER A 461 -41.87 10.12 -2.12
N ILE A 462 -41.53 9.57 -3.28
CA ILE A 462 -40.47 10.16 -4.10
C ILE A 462 -40.88 11.54 -4.58
N ARG A 463 -42.14 11.71 -4.99
CA ARG A 463 -42.61 13.02 -5.42
C ARG A 463 -42.59 14.01 -4.26
N GLU A 464 -42.98 13.56 -3.07
CA GLU A 464 -42.94 14.45 -1.90
C GLU A 464 -41.52 14.89 -1.60
N VAL A 465 -40.55 13.98 -1.71
CA VAL A 465 -39.16 14.37 -1.52
C VAL A 465 -38.71 15.35 -2.60
N ALA A 466 -39.05 15.07 -3.86
CA ALA A 466 -38.54 15.88 -4.97
C ALA A 466 -39.11 17.29 -4.93
N ASP A 467 -40.39 17.44 -4.63
CA ASP A 467 -40.97 18.78 -4.61
C ASP A 467 -40.54 19.60 -3.40
N ALA A 468 -39.87 18.99 -2.43
CA ALA A 468 -39.34 19.69 -1.27
C ALA A 468 -37.81 19.67 -1.28
N LEU A 469 -37.21 19.69 -2.46
CA LEU A 469 -35.77 19.66 -2.62
C LEU A 469 -35.34 20.69 -3.65
N ASP A 470 -35.92 21.89 -3.58
CA ASP A 470 -35.55 22.96 -4.51
C ASP A 470 -35.94 24.30 -3.91
N GLY A 471 -35.40 25.36 -4.52
CA GLY A 471 -35.81 26.70 -4.15
C GLY A 471 -35.43 27.06 -2.73
N ASP A 472 -36.26 27.89 -2.12
CA ASP A 472 -35.99 28.39 -0.77
C ASP A 472 -36.17 27.32 0.30
N ASN A 473 -36.80 26.19 -0.02
CA ASN A 473 -37.00 25.15 0.99
C ASN A 473 -35.67 24.55 1.42
N ILE A 474 -34.74 24.36 0.48
CA ILE A 474 -33.43 23.81 0.81
C ILE A 474 -32.71 24.74 1.78
N LYS A 475 -32.74 26.05 1.49
CA LYS A 475 -32.11 27.02 2.38
C LYS A 475 -32.78 27.02 3.74
N LYS A 476 -34.11 26.98 3.78
CA LYS A 476 -34.81 27.02 5.05
C LYS A 476 -34.49 25.80 5.90
N LEU A 477 -34.44 24.62 5.30
CA LEU A 477 -34.07 23.41 6.04
C LEU A 477 -32.58 23.35 6.32
N SER A 478 -31.77 24.14 5.64
CA SER A 478 -30.33 24.16 5.87
C SER A 478 -29.92 25.09 7.00
N LYS A 479 -30.81 25.97 7.45
CA LYS A 479 -30.47 26.92 8.50
C LYS A 479 -31.31 26.67 9.76
N SER A 480 -32.44 25.98 9.60
CA SER A 480 -33.33 25.75 10.74
C SER A 480 -32.68 24.78 11.72
N ASN A 481 -32.67 25.16 12.99
CA ASN A 481 -32.10 24.31 14.03
C ASN A 481 -32.98 23.08 14.23
N ILE A 482 -32.34 21.94 14.49
CA ILE A 482 -33.04 20.69 14.80
C ILE A 482 -32.36 20.09 16.02
N GLU A 483 -33.14 19.88 17.09
CA GLU A 483 -32.63 19.20 18.27
C GLU A 483 -33.14 17.78 18.31
N ILE A 484 -32.23 16.83 18.46
CA ILE A 484 -32.53 15.41 18.34
C ILE A 484 -31.89 14.66 19.50
N GLN A 485 -32.66 13.83 20.19
CA GLN A 485 -32.09 12.94 21.18
C GLN A 485 -31.10 12.00 20.50
N GLU A 486 -29.85 12.04 20.95
CA GLU A 486 -28.75 11.43 20.22
C GLU A 486 -28.15 10.22 20.94
N ASP A 487 -28.61 9.91 22.16
CA ASP A 487 -28.06 8.78 22.88
C ASP A 487 -28.22 7.46 22.14
N LYS A 488 -29.25 7.34 21.29
CA LYS A 488 -29.39 6.16 20.45
C LYS A 488 -28.29 6.10 19.39
N LEU A 489 -27.87 7.25 18.87
CA LEU A 489 -26.84 7.28 17.85
C LEU A 489 -25.45 7.02 18.44
N ARG A 490 -25.25 7.30 19.73
CA ARG A 490 -23.96 7.08 20.35
C ARG A 490 -23.57 5.60 20.31
N LYS A 491 -24.53 4.71 20.59
CA LYS A 491 -24.27 3.28 20.59
C LYS A 491 -24.00 2.72 19.21
N CYS A 492 -24.07 3.55 18.18
CA CYS A 492 -23.69 3.15 16.83
C CYS A 492 -22.53 3.97 16.28
N PHE A 493 -22.15 5.07 16.93
CA PHE A 493 -21.00 5.86 16.49
C PHE A 493 -19.75 5.00 16.46
N ILE A 494 -18.91 5.21 15.44
CA ILE A 494 -17.63 4.52 15.39
C ILE A 494 -16.79 4.94 16.58
N SER A 495 -15.98 4.01 17.08
CA SER A 495 -15.23 4.25 18.30
C SER A 495 -14.23 5.40 18.12
N TYR A 496 -14.08 6.19 19.18
CA TYR A 496 -13.11 7.29 19.18
C TYR A 496 -11.70 6.74 19.38
N ALA A 497 -10.73 7.63 19.55
CA ALA A 497 -9.34 7.24 19.76
C ALA A 497 -9.09 6.71 21.16
N ASP A 498 -10.01 6.93 22.10
CA ASP A 498 -9.84 6.45 23.47
C ASP A 498 -9.83 4.93 23.53
N SER A 499 -10.69 4.29 22.75
CA SER A 499 -10.84 2.84 22.77
C SER A 499 -10.36 2.20 21.48
N VAL A 500 -9.32 2.77 20.88
CA VAL A 500 -8.74 2.25 19.64
C VAL A 500 -7.25 2.06 19.87
N SER A 501 -6.72 0.92 19.44
CA SER A 501 -5.37 0.53 19.80
C SER A 501 -4.31 1.37 19.07
N GLU A 502 -3.14 1.45 19.70
CA GLU A 502 -2.06 2.27 19.18
C GLU A 502 -1.54 1.75 17.85
N PHE A 503 -1.59 0.45 17.62
CA PHE A 503 -1.13 -0.09 16.34
C PHE A 503 -1.98 0.43 15.20
N THR A 504 -3.30 0.37 15.35
CA THR A 504 -4.18 0.87 14.30
C THR A 504 -4.11 2.39 14.19
N LYS A 505 -3.93 3.09 15.31
CA LYS A 505 -3.76 4.53 15.23
C LYS A 505 -2.48 4.89 14.45
N LEU A 506 -1.40 4.14 14.69
CA LEU A 506 -0.17 4.37 13.96
C LEU A 506 -0.31 4.03 12.49
N ILE A 507 -1.07 2.99 12.17
CA ILE A 507 -1.33 2.66 10.77
C ILE A 507 -2.10 3.81 10.10
N TYR A 508 -3.09 4.35 10.81
CA TYR A 508 -3.81 5.51 10.27
C TYR A 508 -2.88 6.70 10.06
N LEU A 509 -2.00 6.96 11.02
CA LEU A 509 -1.07 8.07 10.86
C LEU A 509 -0.15 7.85 9.68
N LEU A 510 0.29 6.61 9.48
CA LEU A 510 1.15 6.29 8.34
C LEU A 510 0.42 6.52 7.02
N THR A 511 -0.86 6.13 6.95
CA THR A 511 -1.59 6.30 5.71
C THR A 511 -1.83 7.75 5.33
N ARG A 512 -1.62 8.69 6.25
CA ARG A 512 -1.75 10.10 5.91
C ARG A 512 -0.69 10.58 4.93
N PHE A 513 0.37 9.79 4.73
CA PHE A 513 1.51 10.22 3.92
C PHE A 513 1.66 9.41 2.64
N LEU A 514 0.57 8.87 2.10
CA LEU A 514 0.66 8.09 0.87
C LEU A 514 -0.67 8.11 0.15
N SER A 515 -0.63 7.71 -1.13
CA SER A 515 -1.78 7.81 -2.02
C SER A 515 -2.95 6.97 -1.50
N GLY A 516 -4.15 7.31 -1.97
CA GLY A 516 -5.33 6.60 -1.53
C GLY A 516 -5.36 5.15 -1.98
N LYS A 517 -4.84 4.87 -3.18
CA LYS A 517 -4.78 3.49 -3.66
C LYS A 517 -3.91 2.63 -2.75
N GLU A 518 -2.77 3.16 -2.32
CA GLU A 518 -1.94 2.47 -1.35
C GLU A 518 -2.55 2.49 0.04
N ILE A 519 -3.41 3.46 0.34
CA ILE A 519 -4.13 3.45 1.61
C ILE A 519 -5.04 2.25 1.67
N ASN A 520 -5.79 2.00 0.60
CA ASN A 520 -6.65 0.82 0.55
C ASN A 520 -5.83 -0.46 0.58
N ASP A 521 -4.76 -0.52 -0.21
CA ASP A 521 -3.98 -1.74 -0.31
C ASP A 521 -3.30 -2.08 1.02
N LEU A 522 -2.75 -1.08 1.71
CA LEU A 522 -2.05 -1.36 2.95
C LEU A 522 -2.99 -1.90 4.01
N VAL A 523 -4.18 -1.31 4.13
CA VAL A 523 -5.13 -1.76 5.15
C VAL A 523 -5.64 -3.15 4.80
N THR A 524 -6.05 -3.37 3.54
CA THR A 524 -6.67 -4.63 3.17
C THR A 524 -5.70 -5.81 3.34
N THR A 525 -4.42 -5.61 2.99
CA THR A 525 -3.45 -6.67 3.21
C THR A 525 -3.34 -6.99 4.70
N LEU A 526 -3.40 -5.96 5.55
CA LEU A 526 -3.41 -6.19 6.98
C LEU A 526 -4.66 -6.95 7.41
N ILE A 527 -5.80 -6.66 6.78
CA ILE A 527 -7.03 -7.39 7.07
C ILE A 527 -6.85 -8.87 6.76
N ASN A 528 -6.29 -9.17 5.58
CA ASN A 528 -6.09 -10.56 5.19
C ASN A 528 -5.10 -11.26 6.11
N LYS A 529 -4.00 -10.58 6.45
CA LYS A 529 -2.99 -11.19 7.30
C LYS A 529 -3.55 -11.48 8.69
N PHE A 530 -4.29 -10.53 9.27
CA PHE A 530 -4.84 -10.76 10.60
C PHE A 530 -5.95 -11.80 10.56
N ASP A 531 -6.71 -11.88 9.47
CA ASP A 531 -7.70 -12.94 9.35
C ASP A 531 -7.03 -14.31 9.28
N ASN A 532 -5.93 -14.42 8.54
CA ASN A 532 -5.20 -15.68 8.49
C ASN A 532 -4.64 -16.04 9.86
N ILE A 533 -4.12 -15.05 10.58
CA ILE A 533 -3.60 -15.28 11.92
C ILE A 533 -4.71 -15.79 12.84
N ARG A 534 -5.89 -15.15 12.78
CA ARG A 534 -7.01 -15.56 13.61
C ARG A 534 -7.46 -16.97 13.27
N SER A 535 -7.54 -17.30 11.99
CA SER A 535 -7.96 -18.64 11.59
C SER A 535 -6.97 -19.69 12.09
N PHE A 536 -5.67 -19.42 11.95
CA PHE A 536 -4.66 -20.35 12.45
C PHE A 536 -4.77 -20.52 13.96
N LEU A 537 -4.97 -19.42 14.68
CA LEU A 537 -5.08 -19.51 16.13
C LEU A 537 -6.31 -20.32 16.53
N GLU A 538 -7.42 -20.13 15.83
CA GLU A 538 -8.62 -20.89 16.14
C GLU A 538 -8.42 -22.38 15.86
N ILE A 539 -7.71 -22.70 14.78
CA ILE A 539 -7.50 -24.10 14.43
C ILE A 539 -6.74 -24.82 15.53
N MET A 540 -5.70 -24.20 16.08
CA MET A 540 -4.89 -24.86 17.10
C MET A 540 -5.60 -24.95 18.44
N ASP A 541 -6.68 -24.21 18.65
CA ASP A 541 -7.47 -24.40 19.86
C ASP A 541 -8.35 -25.63 19.80
N GLU A 542 -8.86 -25.95 18.61
CA GLU A 542 -9.66 -27.17 18.46
C GLU A 542 -8.81 -28.42 18.71
N LEU A 543 -7.56 -28.40 18.25
CA LEU A 543 -6.66 -29.54 18.40
C LEU A 543 -5.99 -29.60 19.76
N GLY A 544 -6.21 -28.62 20.62
CA GLY A 544 -5.63 -28.64 21.95
C GLY A 544 -4.18 -28.22 22.03
N LEU A 545 -3.64 -27.61 20.98
CA LEU A 545 -2.27 -27.14 21.00
C LEU A 545 -2.15 -25.85 21.81
N ASP A 546 -0.91 -25.40 22.00
CA ASP A 546 -0.65 -24.21 22.80
C ASP A 546 -0.65 -22.97 21.93
N ARG A 547 -1.42 -21.97 22.35
CA ARG A 547 -1.50 -20.68 21.68
C ARG A 547 -0.70 -19.58 22.36
N THR A 548 -0.39 -19.73 23.64
CA THR A 548 0.17 -18.64 24.44
C THR A 548 1.53 -18.20 23.92
N PHE A 549 1.60 -16.98 23.40
CA PHE A 549 2.87 -16.41 22.98
C PHE A 549 3.73 -16.08 24.20
N THR A 550 4.99 -15.77 23.93
CA THR A 550 5.85 -15.25 24.98
C THR A 550 5.47 -13.80 25.29
N ALA A 551 6.07 -13.27 26.36
CA ALA A 551 5.78 -11.89 26.74
C ALA A 551 6.20 -10.90 25.66
N GLU A 552 7.15 -11.26 24.81
CA GLU A 552 7.61 -10.35 23.77
C GLU A 552 6.53 -10.11 22.72
N TYR A 553 5.80 -11.14 22.34
CA TYR A 553 4.83 -11.07 21.25
C TYR A 553 3.42 -11.33 21.76
N SER A 554 3.09 -10.80 22.94
CA SER A 554 1.73 -10.91 23.46
C SER A 554 0.74 -10.04 22.68
N PHE A 555 1.24 -9.17 21.79
CA PHE A 555 0.38 -8.28 21.03
C PHE A 555 -0.60 -9.06 20.15
N PHE A 556 -0.22 -10.25 19.70
CA PHE A 556 -1.04 -10.99 18.75
C PHE A 556 -2.17 -11.76 19.41
N GLU A 557 -2.24 -11.81 20.74
CA GLU A 557 -3.34 -12.49 21.39
C GLU A 557 -4.67 -11.79 21.11
N GLY A 558 -4.65 -10.48 20.89
CA GLY A 558 -5.87 -9.74 20.59
C GLY A 558 -6.06 -9.55 19.10
N SER A 559 -5.66 -10.55 18.31
CA SER A 559 -5.73 -10.43 16.86
C SER A 559 -7.15 -10.19 16.38
N THR A 560 -8.15 -10.75 17.06
CA THR A 560 -9.54 -10.52 16.68
C THR A 560 -9.90 -9.04 16.82
N LYS A 561 -9.54 -8.44 17.95
CA LYS A 561 -9.87 -7.02 18.15
C LYS A 561 -9.07 -6.12 17.22
N TYR A 562 -7.83 -6.51 16.91
CA TYR A 562 -7.07 -5.74 15.92
C TYR A 562 -7.71 -5.82 14.54
N LEU A 563 -8.21 -7.00 14.17
CA LEU A 563 -8.91 -7.15 12.91
C LEU A 563 -10.18 -6.29 12.88
N ALA A 564 -10.93 -6.29 13.98
CA ALA A 564 -12.14 -5.47 14.03
C ALA A 564 -11.82 -3.99 13.91
N GLU A 565 -10.78 -3.54 14.61
CA GLU A 565 -10.39 -2.14 14.53
C GLU A 565 -9.92 -1.79 13.13
N LEU A 566 -9.22 -2.71 12.46
CA LEU A 566 -8.73 -2.45 11.11
C LEU A 566 -9.87 -2.37 10.10
N VAL A 567 -10.88 -3.25 10.21
CA VAL A 567 -12.00 -3.17 9.29
C VAL A 567 -12.81 -1.90 9.57
N GLU A 568 -12.94 -1.52 10.84
CA GLU A 568 -13.63 -0.27 11.16
C GLU A 568 -12.90 0.93 10.59
N LEU A 569 -11.57 0.92 10.67
CA LEU A 569 -10.77 1.99 10.07
C LEU A 569 -10.95 2.02 8.55
N ASN A 570 -10.94 0.86 7.91
CA ASN A 570 -11.12 0.80 6.47
C ASN A 570 -12.51 1.23 6.05
N SER A 571 -13.49 1.19 6.96
CA SER A 571 -14.84 1.62 6.60
C SER A 571 -14.90 3.08 6.20
N PHE A 572 -13.99 3.92 6.71
CA PHE A 572 -14.08 5.36 6.49
C PHE A 572 -12.78 6.02 6.08
N VAL A 573 -11.69 5.27 5.89
CA VAL A 573 -10.42 5.90 5.56
C VAL A 573 -10.47 6.48 4.15
N LYS A 574 -9.88 7.67 4.00
CA LYS A 574 -9.86 8.38 2.73
C LYS A 574 -8.44 8.84 2.45
N SER A 575 -8.24 9.52 1.33
CA SER A 575 -6.93 10.01 0.98
C SER A 575 -6.56 11.23 1.82
N CYS A 576 -5.32 11.67 1.69
CA CYS A 576 -4.85 12.86 2.39
C CYS A 576 -5.56 14.10 1.87
N SER A 577 -5.71 15.09 2.74
CA SER A 577 -6.42 16.32 2.42
C SER A 577 -5.47 17.50 2.46
N PHE A 578 -5.58 18.37 1.46
CA PHE A 578 -4.77 19.59 1.41
C PHE A 578 -5.36 20.65 2.34
N ASP A 579 -4.63 21.75 2.46
CA ASP A 579 -5.09 22.91 3.22
C ASP A 579 -5.45 24.03 2.26
N ILE A 580 -6.52 24.75 2.57
CA ILE A 580 -7.04 25.74 1.62
C ILE A 580 -6.05 26.87 1.42
N ASN A 581 -5.21 27.15 2.42
CA ASN A 581 -4.20 28.19 2.27
C ASN A 581 -2.90 27.60 1.75
N ALA A 582 -2.96 26.83 0.66
CA ALA A 582 -1.77 26.23 0.08
C ALA A 582 -1.86 26.32 -1.45
N LYS A 583 -2.27 27.47 -1.96
CA LYS A 583 -2.37 27.69 -3.39
C LYS A 583 -1.15 28.39 -3.98
N ARG A 584 -0.52 29.32 -3.26
CA ARG A 584 0.69 29.96 -3.76
C ARG A 584 1.82 28.96 -3.96
N THR A 585 2.02 28.09 -2.96
CA THR A 585 3.06 27.08 -3.07
C THR A 585 2.78 26.12 -4.21
N MET A 586 1.52 25.71 -4.36
CA MET A 586 1.18 24.80 -5.46
C MET A 586 1.34 25.48 -6.82
N TYR A 587 1.05 26.78 -6.92
CA TYR A 587 1.26 27.48 -8.17
C TYR A 587 2.74 27.55 -8.53
N ARG A 588 3.59 27.90 -7.55
CA ARG A 588 5.02 27.91 -7.80
C ARG A 588 5.51 26.52 -8.20
N ASP A 589 4.97 25.50 -7.53
CA ASP A 589 5.38 24.13 -7.83
C ASP A 589 4.96 23.72 -9.23
N ALA A 590 3.77 24.14 -9.66
CA ALA A 590 3.31 23.86 -11.01
C ALA A 590 4.18 24.55 -12.05
N LEU A 591 4.57 25.80 -11.77
CA LEU A 591 5.50 26.47 -12.67
C LEU A 591 6.80 25.69 -12.80
N ASP A 592 7.35 25.25 -11.67
CA ASP A 592 8.59 24.48 -11.71
C ASP A 592 8.41 23.16 -12.46
N ILE A 593 7.29 22.48 -12.25
CA ILE A 593 7.06 21.18 -12.88
C ILE A 593 6.93 21.34 -14.39
N LEU A 594 6.11 22.29 -14.84
CA LEU A 594 5.93 22.51 -16.26
C LEU A 594 7.14 23.14 -16.92
N GLY A 595 8.07 23.70 -16.13
CA GLY A 595 9.28 24.25 -16.69
C GLY A 595 9.23 25.71 -17.05
N ILE A 596 8.22 26.43 -16.57
CA ILE A 596 8.12 27.87 -16.81
C ILE A 596 9.04 28.59 -15.83
N GLU A 597 9.95 29.39 -16.35
CA GLU A 597 10.96 30.06 -15.54
C GLU A 597 10.82 31.57 -15.68
N SER A 598 11.19 32.28 -14.61
CA SER A 598 11.17 33.73 -14.59
C SER A 598 12.53 34.25 -14.13
N ASP A 599 12.95 35.37 -14.70
CA ASP A 599 14.20 36.00 -14.29
C ASP A 599 14.14 36.56 -12.89
N LYS A 600 12.95 36.67 -12.30
CA LYS A 600 12.82 37.20 -10.96
C LYS A 600 13.47 36.27 -9.94
N THR A 601 13.91 36.85 -8.84
CA THR A 601 14.56 36.09 -7.79
C THR A 601 13.53 35.37 -6.93
N GLU A 602 14.01 34.63 -5.93
CA GLU A 602 13.12 33.91 -5.04
C GLU A 602 12.24 34.86 -4.23
N GLU A 603 12.81 35.99 -3.79
CA GLU A 603 12.07 36.96 -3.00
C GLU A 603 11.12 37.82 -3.83
N ASP A 604 11.14 37.67 -5.15
CA ASP A 604 10.23 38.40 -6.03
C ASP A 604 9.21 37.53 -6.74
N ILE A 605 9.53 36.25 -6.97
CA ILE A 605 8.55 35.34 -7.56
C ILE A 605 7.35 35.19 -6.64
N GLU A 606 7.59 35.13 -5.33
CA GLU A 606 6.49 35.04 -4.38
C GLU A 606 5.61 36.29 -4.43
N LYS A 607 6.23 37.46 -4.56
CA LYS A 607 5.46 38.69 -4.67
C LYS A 607 4.62 38.70 -5.94
N MET A 608 5.18 38.21 -7.05
CA MET A 608 4.40 38.12 -8.29
C MET A 608 3.22 37.15 -8.14
N ILE A 609 3.45 36.03 -7.46
CA ILE A 609 2.38 35.05 -7.25
C ILE A 609 1.28 35.66 -6.39
N ASP A 610 1.67 36.39 -5.34
CA ASP A 610 0.69 37.09 -4.52
C ASP A 610 -0.07 38.11 -5.35
N ASN A 611 0.61 38.81 -6.25
CA ASN A 611 -0.04 39.82 -7.09
C ASN A 611 -1.09 39.18 -7.99
N ILE A 612 -0.77 38.05 -8.62
CA ILE A 612 -1.75 37.42 -9.52
C ILE A 612 -2.90 36.82 -8.73
N LEU A 613 -2.60 36.10 -7.63
CA LEU A 613 -3.66 35.38 -6.93
C LEU A 613 -4.56 36.32 -6.14
N GLN A 614 -3.98 37.32 -5.47
CA GLN A 614 -4.67 38.27 -4.60
C GLN A 614 -5.73 37.58 -3.75
N ILE A 615 -5.33 36.47 -3.14
CA ILE A 615 -6.22 35.71 -2.27
C ILE A 615 -6.49 36.47 -0.98
N ASP A 620 -11.58 30.98 -2.90
CA ASP A 620 -11.37 32.40 -2.59
C ASP A 620 -10.31 33.02 -3.52
N LYS A 621 -10.40 32.70 -4.80
CA LYS A 621 -9.48 33.21 -5.81
C LYS A 621 -10.12 34.36 -6.57
N LYS A 622 -9.29 35.34 -6.93
CA LYS A 622 -9.71 36.50 -7.71
C LYS A 622 -8.72 36.64 -8.87
N LEU A 623 -9.05 36.01 -10.00
CA LEU A 623 -8.17 36.00 -11.15
C LEU A 623 -8.46 37.21 -12.04
N LYS A 624 -7.41 37.97 -12.35
CA LYS A 624 -7.56 39.16 -13.18
C LYS A 624 -7.93 38.77 -14.61
N LYS A 625 -8.34 39.77 -15.38
CA LYS A 625 -8.85 39.53 -16.73
C LYS A 625 -7.71 39.45 -17.74
N ASN A 626 -7.82 38.46 -18.64
CA ASN A 626 -6.95 38.35 -19.81
C ASN A 626 -5.47 38.27 -19.43
N ASN A 627 -5.18 37.42 -18.45
CA ASN A 627 -3.81 37.24 -17.98
C ASN A 627 -3.10 36.07 -18.68
N GLY A 628 -3.79 35.34 -19.55
CA GLY A 628 -3.13 34.31 -20.33
C GLY A 628 -2.78 33.08 -19.50
N LEU A 629 -1.63 32.49 -19.80
CA LEU A 629 -1.21 31.29 -19.10
C LEU A 629 -1.07 31.52 -17.60
N ARG A 630 -0.80 32.76 -17.20
CA ARG A 630 -0.61 33.08 -15.78
C ARG A 630 -1.81 32.62 -14.96
N ASN A 631 -3.01 33.02 -15.36
CA ASN A 631 -4.19 32.57 -14.64
C ASN A 631 -4.76 31.27 -15.19
N PHE A 632 -4.39 30.88 -16.41
CA PHE A 632 -4.81 29.57 -16.91
C PHE A 632 -4.28 28.48 -15.99
N ILE A 633 -3.00 28.55 -15.64
CA ILE A 633 -2.42 27.55 -14.75
C ILE A 633 -3.13 27.59 -13.40
N ALA A 634 -3.33 28.78 -12.86
CA ALA A 634 -3.93 28.91 -11.53
C ALA A 634 -5.36 28.39 -11.51
N SER A 635 -6.05 28.40 -12.65
CA SER A 635 -7.43 27.94 -12.70
C SER A 635 -7.56 26.48 -13.12
N ASN A 636 -6.56 25.90 -13.79
CA ASN A 636 -6.74 24.59 -14.40
C ASN A 636 -5.73 23.53 -14.00
N VAL A 637 -4.66 23.87 -13.26
CA VAL A 637 -3.65 22.85 -13.01
C VAL A 637 -3.35 22.70 -11.53
N ILE A 638 -3.65 23.71 -10.72
CA ILE A 638 -3.49 23.56 -9.27
C ILE A 638 -4.55 22.63 -8.72
N ASP A 639 -5.78 22.73 -9.21
CA ASP A 639 -6.90 21.97 -8.70
C ASP A 639 -7.03 20.58 -9.32
N SER A 640 -6.13 20.21 -10.24
CA SER A 640 -6.24 18.92 -10.89
C SER A 640 -5.80 17.80 -9.96
N ASN A 641 -6.52 16.66 -10.05
CA ASN A 641 -6.21 15.51 -9.21
C ASN A 641 -4.83 14.95 -9.56
N ARG A 642 -4.46 14.98 -10.83
CA ARG A 642 -3.14 14.50 -11.22
C ARG A 642 -2.04 15.34 -10.57
N PHE A 643 -2.22 16.65 -10.56
CA PHE A 643 -1.24 17.52 -9.92
C PHE A 643 -1.22 17.33 -8.41
N LYS A 644 -2.38 17.10 -7.80
CA LYS A 644 -2.39 16.78 -6.38
C LYS A 644 -1.60 15.50 -6.10
N TYR A 645 -1.77 14.48 -6.95
CA TYR A 645 -1.03 13.25 -6.80
C TYR A 645 0.47 13.48 -6.94
N LEU A 646 0.87 14.27 -7.93
CA LEU A 646 2.29 14.42 -8.26
C LEU A 646 3.02 15.41 -7.37
N VAL A 647 2.32 16.38 -6.77
CA VAL A 647 3.01 17.43 -6.03
C VAL A 647 3.52 16.92 -4.69
N ARG A 648 2.91 15.87 -4.15
CA ARG A 648 3.36 15.25 -2.91
C ARG A 648 4.27 14.06 -3.15
N TYR A 649 4.68 13.83 -4.39
CA TYR A 649 5.43 12.64 -4.77
C TYR A 649 6.37 13.00 -5.89
N GLY A 650 7.64 13.20 -5.56
CA GLY A 650 8.59 13.64 -6.57
C GLY A 650 8.96 15.10 -6.38
N ASN A 651 10.23 15.41 -6.59
CA ASN A 651 10.72 16.75 -6.29
C ASN A 651 10.38 17.65 -7.47
N PRO A 652 9.60 18.71 -7.27
CA PRO A 652 9.05 19.47 -8.41
C PRO A 652 10.09 20.03 -9.35
N LYS A 653 11.21 20.53 -8.85
CA LYS A 653 12.23 21.09 -9.73
C LYS A 653 13.10 20.02 -10.36
N LYS A 654 12.82 18.75 -10.08
CA LYS A 654 13.55 17.62 -10.63
C LYS A 654 12.75 16.82 -11.63
N ILE A 655 11.43 16.68 -11.43
CA ILE A 655 10.65 15.85 -12.33
C ILE A 655 10.56 16.44 -13.73
N ARG A 656 10.93 17.71 -13.91
CA ARG A 656 10.95 18.27 -15.26
C ARG A 656 12.12 17.74 -16.07
N GLU A 657 13.29 17.60 -15.43
CA GLU A 657 14.48 17.16 -16.15
C GLU A 657 14.36 15.70 -16.60
N THR A 658 13.79 14.84 -15.76
CA THR A 658 13.62 13.45 -16.17
C THR A 658 12.57 13.30 -17.26
N ALA A 659 11.65 14.26 -17.37
CA ALA A 659 10.69 14.23 -18.46
C ALA A 659 11.35 14.44 -19.82
N LYS A 660 12.61 14.88 -19.84
CA LYS A 660 13.34 15.02 -21.09
C LYS A 660 13.85 13.68 -21.62
N CYS A 661 13.69 12.60 -20.87
CA CYS A 661 14.14 11.28 -21.31
C CYS A 661 13.11 10.70 -22.27
N LYS A 662 13.37 10.89 -23.57
CA LYS A 662 12.45 10.39 -24.59
C LYS A 662 12.26 8.89 -24.52
N PRO A 663 13.30 8.05 -24.38
CA PRO A 663 13.04 6.60 -24.24
C PRO A 663 12.18 6.27 -23.03
N ALA A 664 12.40 6.94 -21.91
CA ALA A 664 11.63 6.65 -20.71
C ALA A 664 10.15 6.99 -20.92
N VAL A 665 9.86 8.18 -21.43
CA VAL A 665 8.47 8.56 -21.64
C VAL A 665 7.83 7.70 -22.73
N ARG A 666 8.59 7.37 -23.78
CA ARG A 666 8.07 6.51 -24.83
C ARG A 666 7.67 5.15 -24.28
N PHE A 667 8.49 4.58 -23.40
CA PHE A 667 8.17 3.24 -22.93
C PHE A 667 7.04 3.28 -21.91
N VAL A 668 7.01 4.32 -21.05
CA VAL A 668 5.93 4.39 -20.08
C VAL A 668 4.59 4.62 -20.76
N LEU A 669 4.59 5.25 -21.94
CA LEU A 669 3.33 5.44 -22.63
C LEU A 669 2.70 4.13 -23.10
N ASN A 670 3.42 3.01 -23.08
CA ASN A 670 2.81 1.74 -23.45
C ASN A 670 1.81 1.25 -22.42
N GLU A 671 2.06 1.49 -21.13
CA GLU A 671 1.15 1.08 -20.08
C GLU A 671 -0.12 1.93 -20.03
N ILE A 672 -0.08 3.13 -20.60
CA ILE A 672 -1.24 4.03 -20.66
C ILE A 672 -2.32 3.37 -21.51
N PRO A 673 -3.59 3.42 -21.09
CA PRO A 673 -4.66 2.78 -21.86
C PRO A 673 -4.78 3.33 -23.28
N ASP A 674 -5.17 2.45 -24.20
CA ASP A 674 -5.29 2.80 -25.61
C ASP A 674 -6.46 3.74 -25.85
N ALA A 675 -7.29 3.94 -24.83
CA ALA A 675 -8.35 4.94 -24.88
C ALA A 675 -7.84 6.32 -24.49
N GLN A 676 -7.05 6.41 -23.41
CA GLN A 676 -6.41 7.67 -23.04
C GLN A 676 -5.47 8.15 -24.14
N ILE A 677 -4.71 7.22 -24.73
CA ILE A 677 -3.79 7.61 -25.80
C ILE A 677 -4.56 8.16 -26.99
N GLU A 678 -5.66 7.51 -27.37
CA GLU A 678 -6.46 8.00 -28.48
C GLU A 678 -7.06 9.38 -28.17
N ARG A 679 -7.56 9.55 -26.94
CA ARG A 679 -8.15 10.83 -26.57
C ARG A 679 -7.13 11.96 -26.66
N TYR A 680 -5.93 11.74 -26.12
CA TYR A 680 -4.94 12.80 -26.11
C TYR A 680 -4.22 12.96 -27.45
N TYR A 681 -4.26 11.95 -28.31
CA TYR A 681 -3.76 12.12 -29.66
C TYR A 681 -4.74 12.90 -30.53
N GLU A 682 -6.04 12.71 -30.30
CA GLU A 682 -7.02 13.50 -31.04
C GLU A 682 -7.06 14.95 -30.58
N ALA A 683 -6.55 15.25 -29.40
CA ALA A 683 -6.57 16.61 -28.87
C ALA A 683 -5.27 17.36 -29.09
N CYS A 684 -4.29 16.76 -29.76
CA CYS A 684 -3.01 17.45 -29.95
C CYS A 684 -2.65 17.57 -31.43
N CYS A 685 -2.91 16.54 -32.22
CA CYS A 685 -2.48 16.57 -33.62
C CYS A 685 -3.41 17.39 -34.51
N PRO A 686 -4.73 17.13 -34.52
CA PRO A 686 -5.53 17.99 -35.40
C PRO A 686 -5.89 19.32 -34.74
N CYS A 692 -1.36 5.58 -39.31
CA CYS A 692 -2.15 6.09 -38.19
C CYS A 692 -2.29 5.03 -37.11
N SER A 693 -1.30 4.15 -37.02
CA SER A 693 -1.33 3.08 -36.05
C SER A 693 -1.00 3.60 -34.64
N ALA A 694 -1.34 2.78 -33.65
CA ALA A 694 -1.13 3.17 -32.26
C ALA A 694 0.35 3.35 -31.95
N ASN A 695 1.23 2.61 -32.63
CA ASN A 695 2.66 2.72 -32.35
C ASN A 695 3.20 4.10 -32.74
N LYS A 696 2.93 4.54 -33.98
CA LYS A 696 3.36 5.87 -34.37
C LYS A 696 2.60 6.94 -33.61
N ARG A 697 1.36 6.66 -33.23
CA ARG A 697 0.62 7.57 -32.36
C ARG A 697 1.37 7.82 -31.05
N ARG A 698 1.74 6.74 -30.36
CA ARG A 698 2.45 6.87 -29.10
C ARG A 698 3.81 7.54 -29.30
N GLU A 699 4.51 7.17 -30.37
CA GLU A 699 5.82 7.76 -30.62
C GLU A 699 5.71 9.26 -30.84
N LYS A 700 4.71 9.69 -31.60
CA LYS A 700 4.60 11.11 -31.94
C LYS A 700 4.15 11.92 -30.74
N LEU A 701 3.31 11.35 -29.86
CA LEU A 701 2.94 12.10 -28.68
C LEU A 701 3.99 12.03 -27.56
N ALA A 702 4.89 11.03 -27.61
CA ALA A 702 5.94 10.94 -26.60
C ALA A 702 6.89 12.13 -26.68
N ASP A 703 7.30 12.51 -27.89
CA ASP A 703 8.17 13.66 -28.02
C ASP A 703 7.42 14.97 -27.78
N MET A 704 6.10 14.97 -27.88
CA MET A 704 5.34 16.14 -27.45
C MET A 704 5.38 16.27 -25.94
N ILE A 705 5.25 15.15 -25.23
CA ILE A 705 5.37 15.18 -23.77
C ILE A 705 6.78 15.59 -23.35
N ALA A 706 7.80 15.08 -24.05
CA ALA A 706 9.17 15.28 -23.61
C ALA A 706 9.60 16.74 -23.70
N GLU A 707 9.40 17.38 -24.86
CA GLU A 707 9.91 18.73 -25.10
C GLU A 707 8.82 19.79 -24.93
N ILE A 708 7.91 19.58 -23.96
CA ILE A 708 6.88 20.56 -23.68
C ILE A 708 7.52 21.90 -23.30
N LYS A 709 6.88 23.00 -23.71
CA LYS A 709 7.44 24.32 -23.50
C LYS A 709 6.31 25.32 -23.35
N PHE A 710 6.65 26.49 -22.80
CA PHE A 710 5.69 27.56 -22.61
C PHE A 710 6.41 28.89 -22.75
N GLU A 711 5.78 29.96 -22.28
CA GLU A 711 6.33 31.30 -22.37
C GLU A 711 7.20 31.62 -21.15
N ASN A 712 7.98 32.69 -21.28
CA ASN A 712 8.82 33.18 -20.19
C ASN A 712 8.00 34.08 -19.26
N PHE A 713 8.28 33.98 -17.97
CA PHE A 713 7.56 34.78 -16.98
C PHE A 713 8.44 35.91 -16.44
N THR A 728 -1.91 32.65 -35.21
CA THR A 728 -2.71 31.44 -35.35
C THR A 728 -1.96 30.23 -34.82
N SER A 729 -0.88 29.85 -35.53
CA SER A 729 -0.05 28.75 -35.07
C SER A 729 0.59 29.03 -33.73
N GLU A 730 0.84 30.31 -33.42
CA GLU A 730 1.40 30.66 -32.12
C GLU A 730 0.46 30.26 -30.98
N ALA A 731 -0.84 30.51 -31.16
CA ALA A 731 -1.80 30.09 -30.15
C ALA A 731 -2.05 28.59 -30.23
N GLU A 732 -1.92 28.00 -31.42
CA GLU A 732 -2.15 26.57 -31.60
C GLU A 732 -1.11 25.75 -30.83
N ILE A 733 0.16 26.15 -30.91
CA ILE A 733 1.23 25.40 -30.26
C ILE A 733 1.15 25.61 -28.76
N LYS A 734 0.47 26.66 -28.33
CA LYS A 734 0.22 26.88 -26.91
C LYS A 734 -0.92 26.01 -26.41
N ARG A 735 -2.00 25.92 -27.18
CA ARG A 735 -3.13 25.09 -26.80
C ARG A 735 -2.75 23.62 -26.79
N LYS A 736 -1.88 23.21 -27.71
CA LYS A 736 -1.39 21.83 -27.72
C LYS A 736 -0.72 21.48 -26.40
N ASN A 737 0.20 22.33 -25.95
CA ASN A 737 0.94 22.05 -24.73
C ASN A 737 0.06 22.23 -23.50
N GLN A 738 -0.97 23.07 -23.58
CA GLN A 738 -1.93 23.15 -22.49
C GLN A 738 -2.75 21.88 -22.39
N ALA A 739 -3.08 21.27 -23.53
CA ALA A 739 -3.87 20.05 -23.53
C ALA A 739 -3.06 18.85 -23.05
N ILE A 740 -1.76 18.80 -23.40
CA ILE A 740 -0.93 17.65 -23.05
C ILE A 740 -0.56 17.60 -21.58
N ILE A 741 -1.03 18.55 -20.77
CA ILE A 741 -0.57 18.66 -19.39
C ILE A 741 -0.96 17.44 -18.57
N ARG A 742 -2.22 17.00 -18.69
CA ARG A 742 -2.69 15.89 -17.87
C ARG A 742 -1.94 14.61 -18.21
N LEU A 743 -1.71 14.35 -19.50
CA LEU A 743 -0.95 13.18 -19.89
C LEU A 743 0.49 13.26 -19.40
N TYR A 744 1.09 14.46 -19.46
CA TYR A 744 2.43 14.65 -18.94
C TYR A 744 2.50 14.28 -17.45
N LEU A 745 1.55 14.80 -16.67
CA LEU A 745 1.54 14.51 -15.24
C LEU A 745 1.31 13.03 -14.97
N THR A 746 0.40 12.41 -15.73
CA THR A 746 0.15 10.98 -15.56
C THR A 746 1.40 10.16 -15.84
N VAL A 747 2.12 10.50 -16.92
CA VAL A 747 3.33 9.77 -17.27
C VAL A 747 4.36 9.89 -16.16
N MET A 748 4.59 11.11 -15.68
CA MET A 748 5.60 11.30 -14.64
C MET A 748 5.21 10.55 -13.37
N TYR A 749 3.94 10.64 -12.96
CA TYR A 749 3.51 9.97 -11.74
C TYR A 749 3.64 8.47 -11.85
N ILE A 750 3.25 7.90 -13.00
CA ILE A 750 3.34 6.46 -13.17
C ILE A 750 4.79 6.01 -13.09
N MET A 751 5.68 6.71 -13.79
CA MET A 751 7.09 6.32 -13.78
C MET A 751 7.65 6.36 -12.36
N LEU A 752 7.43 7.45 -11.64
CA LEU A 752 7.99 7.57 -10.30
C LEU A 752 7.40 6.53 -9.34
N LYS A 753 6.07 6.36 -9.39
CA LYS A 753 5.42 5.43 -8.48
C LYS A 753 5.92 4.01 -8.70
N ASN A 754 6.02 3.58 -9.95
CA ASN A 754 6.43 2.20 -10.17
C ASN A 754 7.93 2.01 -9.95
N LEU A 755 8.75 3.06 -10.14
CA LEU A 755 10.15 2.94 -9.76
C LEU A 755 10.30 2.77 -8.25
N VAL A 756 9.51 3.52 -7.47
CA VAL A 756 9.55 3.33 -6.02
C VAL A 756 9.05 1.95 -5.65
N ASN A 757 8.04 1.45 -6.36
CA ASN A 757 7.56 0.09 -6.12
C ASN A 757 8.64 -0.94 -6.40
N VAL A 758 9.42 -0.73 -7.46
CA VAL A 758 10.55 -1.62 -7.75
C VAL A 758 11.57 -1.58 -6.62
N ASN A 759 11.90 -0.38 -6.13
CA ASN A 759 12.87 -0.27 -5.05
C ASN A 759 12.36 -0.91 -3.76
N ALA A 760 11.04 -0.95 -3.58
CA ALA A 760 10.47 -1.56 -2.39
C ALA A 760 10.84 -3.03 -2.27
N ARG A 761 10.97 -3.73 -3.41
CA ARG A 761 11.35 -5.14 -3.36
C ARG A 761 12.72 -5.31 -2.73
N TYR A 762 13.68 -4.47 -3.11
CA TYR A 762 15.02 -4.59 -2.54
C TYR A 762 15.06 -4.10 -1.10
N VAL A 763 14.21 -3.13 -0.75
CA VAL A 763 14.08 -2.76 0.66
C VAL A 763 13.63 -3.97 1.48
N ILE A 764 12.62 -4.68 0.98
CA ILE A 764 12.13 -5.89 1.64
C ILE A 764 13.24 -6.94 1.72
N ALA A 765 14.01 -7.08 0.64
CA ALA A 765 15.06 -8.09 0.60
C ALA A 765 16.14 -7.80 1.64
N PHE A 766 16.54 -6.54 1.78
CA PHE A 766 17.56 -6.22 2.77
C PHE A 766 17.03 -6.35 4.20
N HIS A 767 15.76 -5.97 4.42
CA HIS A 767 15.14 -6.23 5.71
C HIS A 767 15.18 -7.71 6.04
N CYS A 768 14.87 -8.55 5.05
CA CYS A 768 14.90 -9.99 5.25
C CYS A 768 16.30 -10.48 5.54
N VAL A 769 17.31 -9.91 4.87
CA VAL A 769 18.69 -10.30 5.13
C VAL A 769 19.06 -10.02 6.58
N GLU A 770 18.73 -8.82 7.07
CA GLU A 770 19.04 -8.50 8.45
C GLU A 770 18.29 -9.41 9.43
N ARG A 771 17.00 -9.64 9.18
CA ARG A 771 16.20 -10.47 10.08
C ARG A 771 16.73 -11.90 10.13
N ASP A 772 17.08 -12.44 8.96
CA ASP A 772 17.55 -13.82 8.91
C ASP A 772 18.97 -13.95 9.44
N THR A 773 19.79 -12.91 9.32
CA THR A 773 21.08 -12.92 10.01
C THR A 773 20.87 -13.00 11.51
N LYS A 774 19.93 -12.20 12.04
CA LYS A 774 19.65 -12.24 13.46
C LYS A 774 19.15 -13.62 13.87
N LEU A 775 18.29 -14.23 13.05
CA LEU A 775 17.74 -15.55 13.39
C LEU A 775 18.81 -16.63 13.34
N TYR A 776 19.61 -16.66 12.27
CA TYR A 776 20.67 -17.65 12.15
C TYR A 776 21.69 -17.52 13.26
N ALA A 777 21.93 -16.29 13.74
CA ALA A 777 22.88 -16.10 14.83
C ALA A 777 22.46 -16.88 16.07
N GLU A 778 21.15 -16.95 16.32
CA GLU A 778 20.66 -17.69 17.48
C GLU A 778 20.69 -19.20 17.26
N SER A 779 20.47 -19.65 16.02
CA SER A 779 20.37 -21.07 15.75
C SER A 779 21.70 -21.80 15.92
N GLY A 780 22.81 -21.08 16.02
CA GLY A 780 24.10 -21.72 16.18
C GLY A 780 24.97 -21.66 14.95
N LEU A 781 24.91 -20.55 14.23
CA LEU A 781 25.69 -20.34 13.02
C LEU A 781 26.55 -19.09 13.20
N GLU A 782 27.84 -19.21 12.94
CA GLU A 782 28.77 -18.10 13.08
C GLU A 782 28.62 -17.18 11.88
N VAL A 783 27.73 -16.20 12.00
CA VAL A 783 27.39 -15.34 10.87
C VAL A 783 28.31 -14.14 10.71
N GLY A 784 29.13 -13.83 11.72
CA GLY A 784 29.98 -12.67 11.60
C GLY A 784 29.20 -11.38 11.79
N ASN A 785 29.83 -10.28 11.35
CA ASN A 785 29.27 -8.94 11.50
C ASN A 785 28.58 -8.54 10.20
N ILE A 786 27.25 -8.49 10.22
CA ILE A 786 26.50 -8.17 9.01
C ILE A 786 26.76 -6.73 8.57
N GLU A 787 26.94 -5.82 9.53
CA GLU A 787 27.09 -4.40 9.19
C GLU A 787 28.32 -4.16 8.32
N LYS A 788 29.43 -4.84 8.63
CA LYS A 788 30.65 -4.66 7.86
C LYS A 788 30.48 -5.18 6.43
N ASN A 789 30.00 -6.42 6.28
CA ASN A 789 29.85 -7.05 4.98
C ASN A 789 28.46 -7.64 4.88
N LYS A 790 27.69 -7.23 3.87
CA LYS A 790 26.32 -7.70 3.74
C LYS A 790 26.23 -9.13 3.21
N THR A 791 27.29 -9.64 2.60
CA THR A 791 27.31 -11.01 2.09
C THR A 791 27.71 -12.02 3.16
N ASN A 792 27.77 -11.60 4.43
CA ASN A 792 28.19 -12.51 5.48
C ASN A 792 27.16 -13.60 5.74
N LEU A 793 25.86 -13.30 5.61
CA LEU A 793 24.85 -14.33 5.78
C LEU A 793 24.99 -15.40 4.70
N THR A 794 25.03 -14.99 3.44
CA THR A 794 25.15 -15.93 2.34
C THR A 794 26.52 -16.57 2.27
N MET A 795 27.51 -16.07 3.00
CA MET A 795 28.79 -16.75 3.09
C MET A 795 28.82 -17.77 4.22
N ALA A 796 28.25 -17.43 5.38
CA ALA A 796 28.22 -18.38 6.49
C ALA A 796 27.29 -19.54 6.21
N VAL A 797 26.15 -19.27 5.59
CA VAL A 797 25.23 -20.35 5.22
C VAL A 797 25.87 -21.27 4.19
N MET A 798 26.58 -20.68 3.23
CA MET A 798 27.20 -21.47 2.17
C MET A 798 28.41 -22.24 2.66
N GLY A 799 28.98 -21.88 3.80
CA GLY A 799 30.13 -22.55 4.35
C GLY A 799 31.47 -21.94 4.01
N VAL A 800 31.51 -20.94 3.12
CA VAL A 800 32.75 -20.29 2.74
C VAL A 800 33.07 -19.17 3.74
N LYS A 801 34.30 -18.68 3.71
CA LYS A 801 34.68 -17.55 4.56
C LYS A 801 35.72 -16.72 3.84
N LEU A 802 35.86 -15.48 4.29
CA LEU A 802 36.77 -14.52 3.67
C LEU A 802 38.12 -14.55 4.36
N GLU A 803 39.19 -14.69 3.57
CA GLU A 803 40.55 -14.56 4.07
C GLU A 803 41.35 -13.76 3.08
N ASN A 804 42.09 -12.77 3.58
CA ASN A 804 42.86 -11.83 2.76
C ASN A 804 41.99 -11.08 1.77
N GLY A 805 40.68 -10.99 2.04
CA GLY A 805 39.78 -10.20 1.24
C GLY A 805 38.99 -10.94 0.18
N ILE A 806 39.45 -12.13 -0.23
CA ILE A 806 38.79 -12.90 -1.27
C ILE A 806 38.62 -14.33 -0.79
N ILE A 807 37.71 -15.05 -1.44
CA ILE A 807 37.46 -16.45 -1.11
C ILE A 807 38.48 -17.31 -1.81
N LYS A 808 39.12 -18.20 -1.05
CA LYS A 808 40.12 -19.11 -1.59
C LYS A 808 39.61 -20.53 -1.75
N THR A 809 38.29 -20.74 -1.67
CA THR A 809 37.70 -22.06 -1.79
C THR A 809 36.98 -22.17 -3.14
N GLU A 810 37.18 -23.28 -3.82
CA GLU A 810 36.53 -23.55 -5.10
C GLU A 810 35.33 -24.46 -4.88
N PHE A 811 34.66 -24.78 -5.97
CA PHE A 811 33.49 -25.66 -5.90
C PHE A 811 33.92 -27.07 -5.51
N ASP A 812 33.18 -27.65 -4.58
CA ASP A 812 33.37 -29.06 -4.21
C ASP A 812 32.00 -29.54 -3.75
N LYS A 813 31.58 -30.70 -4.25
CA LYS A 813 30.21 -31.16 -4.06
C LYS A 813 29.86 -31.33 -2.59
N SER A 814 30.85 -31.52 -1.72
CA SER A 814 30.58 -31.67 -0.30
C SER A 814 29.99 -30.39 0.29
N PHE A 815 30.42 -29.23 -0.21
CA PHE A 815 29.93 -27.98 0.34
C PHE A 815 28.45 -27.77 0.05
N ALA A 816 27.97 -28.28 -1.09
CA ALA A 816 26.56 -28.11 -1.42
C ALA A 816 25.66 -28.83 -0.43
N GLU A 817 26.02 -30.06 -0.05
CA GLU A 817 25.19 -30.85 0.83
C GLU A 817 25.29 -30.45 2.29
N ASN A 818 26.27 -29.63 2.65
CA ASN A 818 26.44 -29.17 4.02
C ASN A 818 25.95 -27.75 4.22
N ALA A 819 25.14 -27.23 3.29
CA ALA A 819 24.60 -25.89 3.42
C ALA A 819 23.66 -25.79 4.61
N ALA A 820 23.55 -24.58 5.16
CA ALA A 820 22.71 -24.38 6.34
C ALA A 820 21.22 -24.45 6.03
N ASN A 821 20.83 -24.21 4.78
CA ASN A 821 19.41 -24.24 4.42
C ASN A 821 19.23 -25.08 3.16
N ARG A 822 17.97 -25.38 2.86
CA ARG A 822 17.64 -26.27 1.76
C ARG A 822 17.80 -25.64 0.39
N TYR A 823 17.83 -24.30 0.31
CA TYR A 823 17.96 -23.66 -0.99
C TYR A 823 19.29 -23.99 -1.65
N LEU A 824 20.37 -23.97 -0.88
CA LEU A 824 21.72 -24.12 -1.42
C LEU A 824 22.19 -25.57 -1.44
N ARG A 825 21.30 -26.52 -1.15
CA ARG A 825 21.67 -27.92 -1.28
C ARG A 825 21.85 -28.33 -2.74
N ASN A 826 21.42 -27.50 -3.69
CA ASN A 826 21.55 -27.81 -5.10
C ASN A 826 22.90 -27.33 -5.64
N ALA A 827 23.58 -28.23 -6.36
CA ALA A 827 24.96 -27.99 -6.74
C ALA A 827 25.08 -26.86 -7.74
N ARG A 828 24.23 -26.85 -8.77
CA ARG A 828 24.39 -25.85 -9.82
C ARG A 828 24.15 -24.45 -9.30
N TRP A 829 23.15 -24.27 -8.44
CA TRP A 829 22.89 -22.93 -7.92
C TRP A 829 23.88 -22.54 -6.84
N TYR A 830 24.38 -23.49 -6.06
CA TYR A 830 25.50 -23.20 -5.17
C TYR A 830 26.68 -22.68 -5.98
N LYS A 831 26.99 -23.35 -7.09
CA LYS A 831 28.12 -22.95 -7.92
C LYS A 831 27.91 -21.57 -8.52
N LEU A 832 26.71 -21.31 -9.04
CA LEU A 832 26.44 -20.01 -9.65
C LEU A 832 26.50 -18.88 -8.62
N ILE A 833 25.95 -19.12 -7.44
CA ILE A 833 25.99 -18.09 -6.40
C ILE A 833 27.43 -17.84 -5.96
N LEU A 834 28.23 -18.90 -5.83
CA LEU A 834 29.63 -18.72 -5.48
C LEU A 834 30.36 -17.92 -6.56
N ASP A 835 30.11 -18.24 -7.82
CA ASP A 835 30.77 -17.54 -8.92
C ASP A 835 30.42 -16.07 -8.91
N ASN A 836 29.14 -15.74 -8.73
CA ASN A 836 28.74 -14.34 -8.69
C ASN A 836 29.24 -13.65 -7.43
N LEU A 837 29.43 -14.40 -6.35
CA LEU A 837 29.92 -13.83 -5.10
C LEU A 837 31.42 -13.55 -5.16
N LYS A 838 32.16 -14.29 -5.98
CA LYS A 838 33.59 -14.07 -6.10
C LYS A 838 33.93 -12.81 -6.88
N LYS A 839 32.94 -12.17 -7.51
CA LYS A 839 33.17 -10.96 -8.28
C LYS A 839 32.40 -9.76 -7.74
N SER A 840 32.15 -9.72 -6.44
CA SER A 840 31.47 -8.60 -5.80
C SER A 840 32.48 -7.80 -4.96
N GLU A 841 32.03 -6.65 -4.48
CA GLU A 841 32.85 -5.78 -3.65
C GLU A 841 32.09 -5.37 -2.40
N ARG A 842 32.79 -5.35 -1.26
CA ARG A 842 32.16 -4.99 0.00
C ARG A 842 31.61 -3.57 -0.04
N ALA A 843 32.42 -2.63 -0.53
CA ALA A 843 31.97 -1.24 -0.59
C ALA A 843 30.82 -1.07 -1.57
N VAL A 844 30.86 -1.77 -2.71
CA VAL A 844 29.80 -1.67 -3.70
C VAL A 844 28.49 -2.18 -3.10
N VAL A 845 28.54 -3.31 -2.40
CA VAL A 845 27.33 -3.85 -1.79
C VAL A 845 26.83 -2.94 -0.68
N ASN A 846 27.75 -2.36 0.09
CA ASN A 846 27.33 -1.44 1.15
C ASN A 846 26.60 -0.23 0.56
N GLU A 847 27.12 0.33 -0.52
CA GLU A 847 26.44 1.47 -1.12
C GLU A 847 25.16 1.05 -1.82
N PHE A 848 25.09 -0.17 -2.34
CA PHE A 848 23.81 -0.64 -2.86
C PHE A 848 22.77 -0.67 -1.76
N ARG A 849 23.15 -1.16 -0.57
CA ARG A 849 22.25 -1.17 0.57
C ARG A 849 21.82 0.24 0.94
N ASN A 850 22.78 1.16 1.04
CA ASN A 850 22.45 2.53 1.44
C ASN A 850 21.56 3.22 0.42
N THR A 851 21.83 3.00 -0.87
CA THR A 851 21.02 3.62 -1.91
C THR A 851 19.61 3.04 -1.93
N VAL A 852 19.48 1.73 -1.74
CA VAL A 852 18.15 1.12 -1.69
C VAL A 852 17.37 1.66 -0.49
N CYS A 853 18.01 1.76 0.67
CA CYS A 853 17.31 2.19 1.87
C CYS A 853 16.96 3.67 1.87
N HIS A 854 17.90 4.54 1.51
CA HIS A 854 17.64 5.98 1.49
C HIS A 854 16.98 6.43 0.20
N LEU A 855 16.77 5.52 -0.76
CA LEU A 855 16.03 5.79 -1.98
C LEU A 855 16.72 6.84 -2.84
N ASN A 856 18.06 6.92 -2.77
CA ASN A 856 18.79 7.92 -3.52
C ASN A 856 18.82 7.64 -5.01
N ALA A 857 18.54 6.40 -5.43
CA ALA A 857 18.65 6.05 -6.84
C ALA A 857 17.66 6.84 -7.68
N ILE A 858 16.42 6.98 -7.20
CA ILE A 858 15.39 7.71 -7.93
C ILE A 858 15.08 9.06 -7.28
N ARG A 859 15.75 9.39 -6.17
CA ARG A 859 15.73 10.74 -5.65
C ARG A 859 16.62 11.68 -6.46
N ASN A 860 17.68 11.15 -7.07
CA ASN A 860 18.50 11.87 -8.03
C ASN A 860 18.27 11.34 -9.45
N ILE A 861 17.00 11.03 -9.77
CA ILE A 861 16.69 10.40 -11.05
C ILE A 861 17.05 11.31 -12.21
N ASN A 862 16.97 12.63 -12.01
CA ASN A 862 17.25 13.56 -13.11
C ASN A 862 18.69 13.50 -13.58
N ILE A 863 19.62 13.02 -12.74
CA ILE A 863 21.01 12.93 -13.14
C ILE A 863 21.34 11.54 -13.69
N ASN A 864 20.78 10.50 -13.08
CA ASN A 864 21.13 9.12 -13.42
C ASN A 864 20.40 8.62 -14.66
N ILE A 865 19.48 9.39 -15.23
CA ILE A 865 18.69 8.95 -16.38
C ILE A 865 19.12 9.66 -17.66
N LYS A 866 20.21 10.43 -17.62
CA LYS A 866 20.51 11.36 -18.70
C LYS A 866 20.77 10.64 -20.02
N GLU A 867 21.52 9.54 -19.99
CA GLU A 867 21.96 8.87 -21.21
C GLU A 867 21.45 7.42 -21.22
N ILE A 868 20.28 7.20 -21.79
CA ILE A 868 19.73 5.86 -21.94
C ILE A 868 19.38 5.64 -23.40
N LYS A 869 19.80 4.50 -23.95
CA LYS A 869 19.50 4.18 -25.34
C LYS A 869 18.09 3.63 -25.50
N GLU A 870 17.78 2.51 -24.84
CA GLU A 870 16.43 1.96 -24.82
C GLU A 870 16.08 1.54 -23.40
N VAL A 871 14.78 1.50 -23.13
CA VAL A 871 14.25 1.00 -21.87
C VAL A 871 13.33 -0.16 -22.19
N GLU A 872 13.62 -1.33 -21.61
CA GLU A 872 12.82 -2.52 -21.86
C GLU A 872 11.82 -2.82 -20.75
N ASN A 873 12.14 -2.48 -19.51
CA ASN A 873 11.20 -2.63 -18.41
C ASN A 873 11.69 -1.79 -17.24
N TYR A 874 10.83 -1.65 -16.24
CA TYR A 874 11.19 -0.83 -15.09
C TYR A 874 12.31 -1.46 -14.28
N PHE A 875 12.44 -2.78 -14.31
CA PHE A 875 13.60 -3.42 -13.72
C PHE A 875 14.88 -2.89 -14.34
N ALA A 876 14.93 -2.86 -15.68
CA ALA A 876 16.10 -2.36 -16.38
C ALA A 876 16.32 -0.88 -16.09
N LEU A 877 15.26 -0.08 -16.08
CA LEU A 877 15.41 1.35 -15.83
C LEU A 877 15.97 1.61 -14.43
N TYR A 878 15.38 0.96 -13.42
CA TYR A 878 15.83 1.15 -12.04
C TYR A 878 17.26 0.69 -11.87
N HIS A 879 17.62 -0.43 -12.48
CA HIS A 879 18.99 -0.91 -12.33
C HIS A 879 19.98 -0.03 -13.07
N TYR A 880 19.59 0.53 -14.21
CA TYR A 880 20.46 1.51 -14.85
C TYR A 880 20.67 2.71 -13.94
N LEU A 881 19.60 3.19 -13.32
CA LEU A 881 19.72 4.35 -12.44
C LEU A 881 20.67 4.07 -11.28
N ILE A 882 20.50 2.91 -10.64
CA ILE A 882 21.33 2.63 -9.47
C ILE A 882 22.78 2.33 -9.86
N GLN A 883 23.00 1.66 -11.00
CA GLN A 883 24.37 1.45 -11.47
C GLN A 883 25.04 2.78 -11.82
N LYS A 884 24.29 3.70 -12.43
CA LYS A 884 24.84 5.02 -12.72
C LYS A 884 25.20 5.75 -11.44
N HIS A 885 24.36 5.63 -10.41
CA HIS A 885 24.68 6.25 -9.13
C HIS A 885 25.96 5.67 -8.55
N LEU A 886 26.10 4.34 -8.59
CA LEU A 886 27.29 3.71 -8.05
C LEU A 886 28.54 4.15 -8.80
N GLU A 887 28.47 4.20 -10.14
CA GLU A 887 29.61 4.67 -10.91
C GLU A 887 29.92 6.12 -10.61
N ASN A 888 28.88 6.95 -10.46
CA ASN A 888 29.09 8.37 -10.20
C ASN A 888 29.83 8.59 -8.89
N ARG A 889 29.48 7.83 -7.85
CA ARG A 889 30.21 8.02 -6.60
C ARG A 889 31.58 7.35 -6.62
N PHE A 890 31.74 6.23 -7.33
CA PHE A 890 33.02 5.54 -7.39
C PHE A 890 33.92 6.10 -8.50
N ALA A 891 33.76 7.38 -8.85
CA ALA A 891 34.56 7.96 -9.92
C ALA A 891 36.05 8.01 -9.55
N ASP A 892 36.35 8.35 -8.29
CA ASP A 892 37.74 8.53 -7.88
C ASP A 892 38.24 7.48 -6.91
N LYS A 893 37.35 6.74 -6.24
CA LYS A 893 37.79 5.73 -5.29
C LYS A 893 38.37 4.52 -6.03
N LYS A 894 39.18 3.74 -5.32
CA LYS A 894 39.80 2.56 -5.91
C LYS A 894 38.74 1.49 -6.17
N VAL A 895 38.72 0.97 -7.39
CA VAL A 895 37.76 -0.04 -7.82
C VAL A 895 38.52 -1.16 -8.50
N GLU A 896 38.25 -2.40 -8.10
CA GLU A 896 39.01 -3.54 -8.60
C GLU A 896 38.49 -3.96 -9.97
N ARG A 897 39.02 -5.07 -10.48
CA ARG A 897 38.84 -5.41 -11.89
C ARG A 897 37.38 -5.71 -12.23
N ASP A 898 36.68 -6.44 -11.36
CA ASP A 898 35.31 -6.85 -11.67
C ASP A 898 34.37 -5.64 -11.74
N THR A 899 34.40 -4.79 -10.71
CA THR A 899 33.55 -3.61 -10.72
C THR A 899 33.96 -2.64 -11.83
N GLY A 900 35.26 -2.55 -12.12
CA GLY A 900 35.69 -1.71 -13.23
C GLY A 900 35.15 -2.19 -14.55
N ASP A 901 35.17 -3.50 -14.79
CA ASP A 901 34.59 -4.05 -16.01
C ASP A 901 33.09 -3.81 -16.06
N PHE A 902 32.40 -3.96 -14.93
CA PHE A 902 30.96 -3.71 -14.92
C PHE A 902 30.64 -2.26 -15.25
N ILE A 903 31.42 -1.31 -14.69
CA ILE A 903 31.19 0.10 -14.98
C ILE A 903 31.51 0.40 -16.44
N SER A 904 32.56 -0.24 -16.98
CA SER A 904 32.88 -0.05 -18.38
C SER A 904 31.75 -0.54 -19.29
N LYS A 905 31.15 -1.67 -18.95
CA LYS A 905 29.99 -2.14 -19.71
C LYS A 905 28.82 -1.16 -19.57
N LEU A 906 28.58 -0.68 -18.35
CA LEU A 906 27.47 0.24 -18.11
C LEU A 906 27.65 1.55 -18.87
N GLU A 907 28.90 1.92 -19.15
CA GLU A 907 29.14 3.14 -19.92
C GLU A 907 29.12 2.88 -21.42
N GLU A 908 29.63 1.73 -21.87
CA GLU A 908 29.65 1.44 -23.30
C GLU A 908 28.23 1.23 -23.81
N HIS A 909 27.45 0.40 -23.12
CA HIS A 909 26.04 0.23 -23.44
C HIS A 909 25.23 1.13 -22.53
N LYS A 910 24.34 1.92 -23.13
CA LYS A 910 23.51 2.83 -22.33
C LYS A 910 22.32 2.08 -21.76
N THR A 911 22.58 0.94 -21.13
CA THR A 911 21.56 0.10 -20.53
C THR A 911 22.17 -0.61 -19.34
N TYR A 912 21.29 -1.12 -18.46
CA TYR A 912 21.77 -1.77 -17.26
C TYR A 912 22.55 -3.03 -17.61
N CYS A 913 23.57 -3.31 -16.81
CA CYS A 913 24.42 -4.49 -17.01
C CYS A 913 23.80 -5.67 -16.28
N LYS A 914 23.49 -6.73 -17.03
CA LYS A 914 22.81 -7.88 -16.46
C LYS A 914 23.69 -8.71 -15.53
N ASP A 915 25.00 -8.47 -15.53
CA ASP A 915 25.90 -9.19 -14.64
C ASP A 915 26.24 -8.41 -13.38
N PHE A 916 26.27 -7.08 -13.45
CA PHE A 916 26.52 -6.27 -12.27
C PHE A 916 25.40 -6.45 -11.25
N VAL A 917 24.16 -6.59 -11.73
CA VAL A 917 23.03 -6.74 -10.82
C VAL A 917 23.17 -8.02 -10.01
N LYS A 918 23.48 -9.13 -10.68
CA LYS A 918 23.68 -10.37 -9.95
C LYS A 918 25.00 -10.38 -9.19
N ALA A 919 25.92 -9.48 -9.51
CA ALA A 919 27.13 -9.35 -8.72
C ALA A 919 26.85 -8.69 -7.37
N TYR A 920 26.08 -7.61 -7.37
CA TYR A 920 25.81 -6.90 -6.11
C TYR A 920 24.48 -7.32 -5.46
N CYS A 921 23.79 -8.30 -6.02
CA CYS A 921 22.58 -8.84 -5.42
C CYS A 921 22.85 -10.10 -4.61
N THR A 922 24.12 -10.44 -4.40
CA THR A 922 24.56 -11.65 -3.71
C THR A 922 24.12 -11.79 -2.25
N PRO A 923 23.92 -10.69 -1.49
CA PRO A 923 23.44 -10.86 -0.12
C PRO A 923 22.10 -11.58 0.00
N PHE A 924 21.37 -11.76 -1.09
CA PHE A 924 20.12 -12.51 -1.08
C PHE A 924 20.31 -13.95 -1.53
N GLY A 925 21.55 -14.42 -1.66
CA GLY A 925 21.79 -15.75 -2.19
C GLY A 925 21.31 -16.86 -1.29
N TYR A 926 21.23 -16.62 0.02
CA TYR A 926 20.74 -17.64 0.94
C TYR A 926 19.28 -17.97 0.68
N ASN A 927 18.54 -17.07 0.05
CA ASN A 927 17.17 -17.29 -0.39
C ASN A 927 17.21 -17.31 -1.91
N LEU A 928 17.31 -18.52 -2.48
CA LEU A 928 17.62 -18.66 -3.90
C LEU A 928 16.51 -18.11 -4.77
N VAL A 929 15.25 -18.36 -4.41
CA VAL A 929 14.14 -17.90 -5.24
C VAL A 929 14.08 -16.38 -5.25
N ARG A 930 14.25 -15.75 -4.09
CA ARG A 930 14.28 -14.29 -4.04
C ARG A 930 15.46 -13.74 -4.82
N TYR A 931 16.62 -14.38 -4.69
CA TYR A 931 17.80 -13.93 -5.41
C TYR A 931 17.56 -13.98 -6.91
N LYS A 932 16.98 -15.06 -7.41
CA LYS A 932 16.70 -15.17 -8.84
C LYS A 932 15.61 -14.20 -9.26
N ASN A 933 14.63 -13.93 -8.40
CA ASN A 933 13.58 -12.98 -8.74
C ASN A 933 14.14 -11.58 -8.86
N LEU A 934 15.15 -11.25 -8.06
CA LEU A 934 15.69 -9.90 -8.03
C LEU A 934 16.96 -9.73 -8.86
N THR A 935 17.29 -10.69 -9.71
CA THR A 935 18.46 -10.56 -10.57
C THR A 935 18.14 -10.55 -12.05
N ILE A 936 17.26 -11.41 -12.52
CA ILE A 936 16.93 -11.51 -13.93
C ILE A 936 15.49 -11.07 -14.14
N ASP A 937 15.28 -10.18 -15.10
CA ASP A 937 13.94 -9.74 -15.43
C ASP A 937 13.17 -10.85 -16.12
N GLY A 938 11.85 -10.68 -16.18
CA GLY A 938 10.96 -11.72 -16.65
C GLY A 938 10.48 -12.57 -15.49
N LEU A 939 11.38 -12.88 -14.57
CA LEU A 939 11.01 -13.48 -13.30
C LEU A 939 10.76 -12.43 -12.22
N PHE A 940 11.07 -11.16 -12.49
CA PHE A 940 10.96 -10.12 -11.46
C PHE A 940 9.51 -9.75 -11.20
N ASP A 941 8.71 -9.57 -12.25
CA ASP A 941 7.38 -9.01 -12.12
C ASP A 941 6.32 -10.10 -12.17
N LYS A 942 5.39 -10.05 -11.22
CA LYS A 942 4.30 -11.01 -11.19
C LYS A 942 3.40 -10.85 -12.42
N ASN A 943 3.10 -9.60 -12.80
CA ASN A 943 2.17 -9.35 -13.89
C ASN A 943 2.83 -9.39 -15.27
N TYR A 944 4.15 -9.42 -15.34
CA TYR A 944 4.88 -9.39 -16.61
C TYR A 944 5.84 -10.57 -16.66
N PRO A 945 5.32 -11.78 -16.82
CA PRO A 945 6.22 -12.95 -16.93
C PRO A 945 7.03 -12.90 -18.20
N GLY A 946 8.23 -13.48 -18.15
CA GLY A 946 9.11 -13.51 -19.29
C GLY A 946 10.10 -14.64 -19.17
N LYS A 947 10.83 -14.86 -20.26
CA LYS A 947 11.81 -15.94 -20.29
C LYS A 947 12.98 -15.64 -19.38
N ASP A 948 13.41 -16.64 -18.63
CA ASP A 948 14.58 -16.52 -17.76
C ASP A 948 15.76 -17.22 -18.42
N ASP A 949 16.91 -16.56 -18.42
CA ASP A 949 18.12 -17.08 -19.05
C ASP A 949 18.98 -17.74 -17.98
N SER A 950 18.95 -19.06 -17.95
CA SER A 950 19.74 -19.85 -17.01
C SER A 950 19.51 -19.42 -15.57
MG MG D . 19.22 2.69 6.43
MG MG E . 3.93 -16.73 2.61
#